data_9C9M
#
_entry.id   9C9M
#
_cell.length_a   1.00
_cell.length_b   1.00
_cell.length_c   1.00
_cell.angle_alpha   90.00
_cell.angle_beta   90.00
_cell.angle_gamma   90.00
#
_symmetry.space_group_name_H-M   'P 1'
#
loop_
_entity.id
_entity.type
_entity.pdbx_description
1 polymer Integrase
2 polymer Integrase
3 polymer 'viral DNA'
4 polymer vDNA
5 non-polymer 'MAGNESIUM ION'
6 non-polymer 'ZINC ION'
7 non-polymer "(4R,12aS)-N-(2,4-difluorobenzyl)-7-hydroxy-4-methyl-6,8-dioxo-3,4,6,8,12,12a-hexahydro-2H-pyrido[1',2':4,5]pyrazino[2,1-b][1,3]oxazine-9-carboxamide"
8 water water
#
loop_
_entity_poly.entity_id
_entity_poly.type
_entity_poly.pdbx_seq_one_letter_code
_entity_poly.pdbx_strand_id
1 'polypeptide(L)'
;MATVKFKYKGEEKEVDISKIKKVWRVGKMISFTYDEGGGKTGRGAVSEKDAPKELLQMLEKQKKGGGGGGFLDGIDKAQE
EHEKYHSNWRAMASDFNLPPVVAKEIVASCDKCQLKGEAMHGQVDCSPGIWQLDCTHLEGKVILVAVHVASGYIEAEVIP
AETGQETAYFLLKLAGRWPVKTVHTDNGSNFTSTTVKAACWWAGIKQEFGIPYNPQSQGVIESMNKELKKIIGQVRDQAE
HLKTAVQMAVFIHNFKRKGGIGGYSAGERIVDIIATDIQTKELQKQITKIQNFRVYYRDSRDPVWKGPAKLLWKGEGAVV
IQDNSDIKVVPRRKAKIIRDYGKQMAGDDCVASRQDED
;
A,B,I,K,L,C
2 'polypeptide(L)'
;HMFKRKGGIGGYSAGERIVDIIATDIQTKELQKQITKIQNFRVYYRDSRDPVWKGPAKLLWKGEGAVVIQDNSDIKVVPR
RKAKIIRDYGKQMAGDDCVASRQDED
;
D,M
3 'polydeoxyribonucleotide'
;(DA)(DC)(DT)(DG)(DC)(DT)(DA)(DG)(DA)(DG)(DA)(DT)(DT)(DT)(DT)(DC)(DC)(DC)(DG)(DC)
(DC)(DC)(DA)(DC)(DG)(DC)(DT)
;
E,N
4 'polydeoxyribonucleotide'
;(DA)(DG)(DC)(DG)(DT)(DG)(DG)(DG)(DC)(DG)(DG)(DG)(DA)(DA)(DA)(DA)(DT)(DC)(DT)(DC)
(DT)(DA)(DG)(DC)(DA)
;
F,O
#
loop_
_chem_comp.id
_chem_comp.type
_chem_comp.name
_chem_comp.formula
DA DNA linking 2'-DEOXYADENOSINE-5'-MONOPHOSPHATE 'C10 H14 N5 O6 P'
DC DNA linking 2'-DEOXYCYTIDINE-5'-MONOPHOSPHATE 'C9 H14 N3 O7 P'
DG DNA linking 2'-DEOXYGUANOSINE-5'-MONOPHOSPHATE 'C10 H14 N5 O7 P'
DLU non-polymer (4R,12aS)-N-(2,4-difluorobenzyl)-7-hydroxy-4-methyl-6,8-dioxo-3,4,6,8,12,12a-hexahydro-2H-pyrido[1',2':4,5]pyrazino[2,1-b][1,3]oxazine-9-carboxamide 'C20 H19 F2 N3 O5'
DT DNA linking THYMIDINE-5'-MONOPHOSPHATE 'C10 H15 N2 O8 P'
MG non-polymer 'MAGNESIUM ION' 'Mg 2'
ZN non-polymer 'ZINC ION' 'Zn 2'
#
# COMPACT_ATOMS: atom_id res chain seq x y z
N PHE A 71 -5.98 -35.33 -21.79
CA PHE A 71 -5.34 -33.99 -21.72
C PHE A 71 -3.95 -34.02 -22.33
N LEU A 72 -3.86 -34.42 -23.60
CA LEU A 72 -2.59 -34.45 -24.30
C LEU A 72 -2.67 -33.71 -25.63
N ASP A 73 -3.85 -33.72 -26.25
CA ASP A 73 -4.02 -32.98 -27.50
C ASP A 73 -4.03 -31.48 -27.25
N GLY A 74 -4.76 -31.03 -26.23
CA GLY A 74 -4.79 -29.61 -25.91
C GLY A 74 -3.45 -29.08 -25.46
N ILE A 75 -2.63 -29.92 -24.82
CA ILE A 75 -1.37 -29.44 -24.26
C ILE A 75 -0.43 -28.97 -25.37
N ASP A 76 -0.32 -29.74 -26.46
CA ASP A 76 0.59 -29.36 -27.53
C ASP A 76 0.18 -28.03 -28.17
N LYS A 77 -1.11 -27.89 -28.46
CA LYS A 77 -1.61 -26.65 -29.05
C LYS A 77 -1.39 -25.49 -28.10
N ALA A 78 -1.64 -25.70 -26.80
CA ALA A 78 -1.40 -24.65 -25.82
C ALA A 78 0.06 -24.26 -25.77
N GLN A 79 0.96 -25.25 -25.84
CA GLN A 79 2.39 -24.94 -25.79
C GLN A 79 2.83 -24.12 -26.98
N GLU A 80 2.36 -24.49 -28.18
CA GLU A 80 2.70 -23.71 -29.38
C GLU A 80 2.13 -22.30 -29.28
N GLU A 81 0.86 -22.20 -28.91
CA GLU A 81 0.22 -20.91 -28.73
C GLU A 81 0.98 -20.04 -27.73
N HIS A 82 1.47 -20.64 -26.65
CA HIS A 82 2.19 -19.89 -25.64
C HIS A 82 3.55 -19.45 -26.16
N GLU A 83 4.27 -20.35 -26.82
CA GLU A 83 5.57 -19.99 -27.39
C GLU A 83 5.43 -18.77 -28.28
N LYS A 84 4.32 -18.68 -29.02
CA LYS A 84 4.13 -17.50 -29.86
C LYS A 84 3.69 -16.29 -29.05
N TYR A 85 2.66 -16.45 -28.21
CA TYR A 85 1.99 -15.32 -27.58
C TYR A 85 2.26 -15.18 -26.09
N HIS A 86 2.74 -16.23 -25.42
CA HIS A 86 2.87 -16.24 -23.97
C HIS A 86 1.54 -15.93 -23.31
N SER A 87 0.52 -16.71 -23.66
CA SER A 87 -0.78 -16.60 -23.03
C SER A 87 -0.66 -16.95 -21.55
N ASN A 88 -1.41 -16.24 -20.71
CA ASN A 88 -1.45 -16.60 -19.31
C ASN A 88 -2.30 -17.86 -19.11
N TRP A 89 -2.22 -18.43 -17.91
CA TRP A 89 -2.81 -19.75 -17.69
C TRP A 89 -4.32 -19.73 -17.87
N ARG A 90 -4.98 -18.63 -17.49
CA ARG A 90 -6.42 -18.57 -17.68
C ARG A 90 -6.80 -18.66 -19.15
N ALA A 91 -6.08 -17.93 -20.00
CA ALA A 91 -6.39 -17.93 -21.43
C ALA A 91 -6.22 -19.33 -22.02
N MET A 92 -5.15 -20.02 -21.65
CA MET A 92 -4.90 -21.36 -22.18
C MET A 92 -5.95 -22.35 -21.66
N ALA A 93 -6.28 -22.26 -20.37
CA ALA A 93 -7.31 -23.13 -19.82
C ALA A 93 -8.64 -22.92 -20.53
N SER A 94 -8.98 -21.68 -20.83
CA SER A 94 -10.24 -21.40 -21.52
C SER A 94 -10.20 -21.92 -22.96
N ASP A 95 -9.13 -21.64 -23.69
CA ASP A 95 -9.10 -21.86 -25.12
C ASP A 95 -8.68 -23.27 -25.52
N PHE A 96 -8.20 -24.09 -24.59
CA PHE A 96 -7.77 -25.45 -24.93
C PHE A 96 -8.32 -26.48 -23.96
N ASN A 97 -9.41 -26.18 -23.27
CA ASN A 97 -10.11 -27.15 -22.42
C ASN A 97 -9.12 -27.80 -21.44
N LEU A 98 -8.23 -26.99 -20.89
CA LEU A 98 -7.24 -27.53 -19.98
C LEU A 98 -7.61 -27.25 -18.52
N PRO A 99 -7.29 -28.16 -17.60
CA PRO A 99 -7.48 -27.85 -16.19
C PRO A 99 -6.50 -26.78 -15.75
N PRO A 100 -6.83 -25.99 -14.73
CA PRO A 100 -5.93 -24.91 -14.31
C PRO A 100 -4.52 -25.37 -13.98
N VAL A 101 -4.36 -26.56 -13.39
CA VAL A 101 -3.04 -27.00 -12.96
C VAL A 101 -2.10 -27.12 -14.15
N VAL A 102 -2.56 -27.73 -15.24
CA VAL A 102 -1.67 -27.95 -16.39
C VAL A 102 -1.34 -26.63 -17.08
N ALA A 103 -2.34 -25.75 -17.22
CA ALA A 103 -2.07 -24.44 -17.81
C ALA A 103 -1.05 -23.67 -16.98
N LYS A 104 -1.20 -23.71 -15.66
CA LYS A 104 -0.23 -23.05 -14.79
C LYS A 104 1.15 -23.67 -14.94
N GLU A 105 1.21 -24.99 -15.12
CA GLU A 105 2.51 -25.63 -15.32
C GLU A 105 3.14 -25.16 -16.62
N ILE A 106 2.35 -25.01 -17.68
CA ILE A 106 2.87 -24.47 -18.94
C ILE A 106 3.46 -23.10 -18.70
N VAL A 107 2.71 -22.21 -18.03
CA VAL A 107 3.21 -20.86 -17.80
C VAL A 107 4.47 -20.91 -16.94
N ALA A 108 4.52 -21.81 -15.97
CA ALA A 108 5.64 -21.86 -15.04
C ALA A 108 6.89 -22.40 -15.68
N SER A 109 6.76 -23.20 -16.74
CA SER A 109 7.92 -23.76 -17.41
C SER A 109 8.56 -22.79 -18.40
N CYS A 110 8.00 -21.59 -18.56
CA CYS A 110 8.51 -20.62 -19.51
C CYS A 110 9.31 -19.55 -18.76
N ASP A 111 10.59 -19.42 -19.11
CA ASP A 111 11.43 -18.41 -18.48
C ASP A 111 10.92 -17.00 -18.77
N LYS A 112 10.46 -16.76 -20.00
CA LYS A 112 10.08 -15.42 -20.42
C LYS A 112 8.86 -14.88 -19.68
N CYS A 113 8.12 -15.73 -18.96
CA CYS A 113 6.93 -15.28 -18.23
C CYS A 113 7.16 -15.12 -16.73
N GLN A 114 8.39 -15.26 -16.26
CA GLN A 114 8.72 -15.06 -14.84
C GLN A 114 9.26 -13.65 -14.69
N LEU A 115 8.35 -12.70 -14.40
CA LEU A 115 8.70 -11.28 -14.38
C LEU A 115 8.09 -10.56 -13.18
N LYS A 116 7.97 -11.22 -12.03
CA LYS A 116 7.32 -10.61 -10.89
C LYS A 116 7.67 -11.36 -9.62
N GLY A 117 8.14 -10.63 -8.61
CA GLY A 117 8.48 -11.24 -7.34
C GLY A 117 7.30 -11.32 -6.39
N GLU A 118 7.45 -12.14 -5.36
CA GLU A 118 6.35 -12.36 -4.44
C GLU A 118 6.00 -11.07 -3.71
N ALA A 119 4.71 -10.83 -3.55
CA ALA A 119 4.19 -9.59 -2.99
C ALA A 119 4.24 -9.68 -1.47
N MET A 120 5.35 -9.22 -0.89
CA MET A 120 5.50 -9.18 0.55
C MET A 120 6.62 -8.20 0.88
N HIS A 121 6.79 -7.94 2.17
CA HIS A 121 7.91 -7.16 2.68
C HIS A 121 8.53 -7.89 3.84
N GLY A 122 9.84 -7.77 3.95
CA GLY A 122 10.55 -8.26 5.11
C GLY A 122 10.40 -7.32 6.29
N GLN A 123 11.19 -7.58 7.33
CA GLN A 123 11.21 -6.75 8.51
C GLN A 123 12.66 -6.52 8.93
N VAL A 124 13.02 -5.26 9.17
CA VAL A 124 14.39 -4.95 9.54
C VAL A 124 14.64 -5.36 11.00
N ASP A 125 15.92 -5.57 11.30
CA ASP A 125 16.32 -5.85 12.68
C ASP A 125 16.04 -4.63 13.55
N CYS A 126 15.47 -4.87 14.73
CA CYS A 126 15.13 -3.81 15.68
C CYS A 126 15.75 -4.06 17.04
N SER A 127 16.89 -4.76 17.08
CA SER A 127 17.53 -5.07 18.35
C SER A 127 18.01 -3.80 19.04
N PRO A 128 18.15 -3.83 20.36
CA PRO A 128 18.48 -2.59 21.09
C PRO A 128 19.80 -1.96 20.68
N GLY A 129 20.73 -2.73 20.12
CA GLY A 129 22.05 -2.23 19.78
C GLY A 129 22.28 -1.84 18.33
N ILE A 130 21.26 -1.84 17.49
CA ILE A 130 21.43 -1.58 16.07
C ILE A 130 21.08 -0.12 15.76
N TRP A 131 21.96 0.54 15.03
CA TRP A 131 21.71 1.86 14.48
C TRP A 131 21.75 1.78 12.96
N GLN A 132 20.91 2.57 12.31
CA GLN A 132 20.91 2.68 10.86
C GLN A 132 21.46 4.04 10.46
N LEU A 133 22.47 4.03 9.60
CA LEU A 133 23.15 5.25 9.17
C LEU A 133 22.96 5.47 7.68
N ASP A 134 22.89 6.74 7.30
CA ASP A 134 22.76 7.10 5.89
C ASP A 134 23.13 8.56 5.71
N CYS A 135 23.52 8.89 4.49
CA CYS A 135 23.77 10.26 4.08
C CYS A 135 22.57 10.81 3.33
N THR A 136 22.34 12.10 3.49
CA THR A 136 21.31 12.81 2.74
C THR A 136 21.88 14.16 2.33
N HIS A 137 21.20 14.83 1.42
CA HIS A 137 21.71 16.06 0.84
C HIS A 137 20.68 17.17 0.96
N LEU A 138 21.14 18.37 1.29
CA LEU A 138 20.26 19.52 1.44
C LEU A 138 21.06 20.77 1.15
N GLU A 139 20.55 21.60 0.23
CA GLU A 139 21.17 22.87 -0.12
C GLU A 139 22.65 22.67 -0.48
N GLY A 140 22.94 21.59 -1.20
CA GLY A 140 24.31 21.34 -1.63
C GLY A 140 25.25 20.93 -0.52
N LYS A 141 24.73 20.45 0.60
CA LYS A 141 25.56 20.01 1.71
C LYS A 141 25.14 18.62 2.14
N VAL A 142 26.10 17.88 2.70
CA VAL A 142 25.92 16.49 3.09
C VAL A 142 25.59 16.43 4.57
N ILE A 143 24.51 15.72 4.91
CA ILE A 143 24.09 15.49 6.28
C ILE A 143 24.23 14.00 6.57
N LEU A 144 25.04 13.65 7.55
CA LEU A 144 25.13 12.27 8.02
C LEU A 144 24.10 12.09 9.13
N VAL A 145 23.32 11.01 9.04
CA VAL A 145 22.20 10.76 9.95
C VAL A 145 22.29 9.33 10.44
N ALA A 146 22.16 9.14 11.75
CA ALA A 146 22.03 7.86 12.38
C ALA A 146 20.72 7.82 13.16
N VAL A 147 20.11 6.65 13.22
CA VAL A 147 18.88 6.44 13.97
C VAL A 147 19.03 5.18 14.80
N HIS A 148 18.65 5.25 16.08
CA HIS A 148 18.55 4.07 16.91
C HIS A 148 17.23 3.38 16.56
N VAL A 149 17.32 2.19 15.96
CA VAL A 149 16.14 1.56 15.36
C VAL A 149 15.07 1.32 16.42
N ALA A 150 15.45 0.71 17.54
CA ALA A 150 14.47 0.32 18.55
C ALA A 150 13.67 1.52 19.06
N SER A 151 14.27 2.71 19.09
CA SER A 151 13.64 3.87 19.69
C SER A 151 13.28 4.97 18.71
N GLY A 152 13.89 5.01 17.53
CA GLY A 152 13.70 6.14 16.64
C GLY A 152 14.48 7.37 17.02
N TYR A 153 15.45 7.24 17.92
CA TYR A 153 16.28 8.36 18.35
C TYR A 153 17.37 8.63 17.31
N ILE A 154 17.46 9.88 16.85
CA ILE A 154 18.35 10.21 15.75
C ILE A 154 19.47 11.12 16.24
N GLU A 155 20.61 11.01 15.55
CA GLU A 155 21.73 11.93 15.64
C GLU A 155 22.09 12.34 14.22
N ALA A 156 22.52 13.58 14.04
CA ALA A 156 22.82 14.07 12.70
C ALA A 156 23.88 15.15 12.76
N GLU A 157 24.54 15.36 11.63
CA GLU A 157 25.43 16.52 11.51
C GLU A 157 25.84 16.72 10.06
N VAL A 158 26.01 18.00 9.70
CA VAL A 158 26.57 18.34 8.40
C VAL A 158 28.05 17.96 8.38
N ILE A 159 28.50 17.41 7.26
CA ILE A 159 29.91 17.11 7.07
C ILE A 159 30.36 17.74 5.75
N PRO A 160 31.56 18.33 5.69
CA PRO A 160 31.99 18.97 4.43
C PRO A 160 32.04 18.01 3.25
N ALA A 161 32.44 16.76 3.47
CA ALA A 161 32.61 15.82 2.38
C ALA A 161 32.01 14.48 2.75
N GLU A 162 31.41 13.81 1.76
CA GLU A 162 30.82 12.49 1.92
C GLU A 162 31.91 11.43 1.81
N THR A 163 32.76 11.38 2.84
CA THR A 163 33.97 10.58 2.80
C THR A 163 34.05 9.66 4.02
N GLY A 164 34.92 8.66 3.90
CA GLY A 164 35.09 7.70 4.98
C GLY A 164 35.64 8.29 6.26
N GLN A 165 36.52 9.29 6.14
CA GLN A 165 37.12 9.88 7.33
C GLN A 165 36.06 10.56 8.20
N GLU A 166 35.22 11.40 7.59
CA GLU A 166 34.19 12.08 8.34
C GLU A 166 33.17 11.10 8.90
N THR A 167 32.82 10.07 8.11
CA THR A 167 31.91 9.05 8.60
C THR A 167 32.48 8.34 9.81
N ALA A 168 33.78 8.02 9.78
CA ALA A 168 34.41 7.34 10.90
C ALA A 168 34.48 8.23 12.13
N TYR A 169 34.74 9.52 11.94
CA TYR A 169 34.72 10.44 13.07
C TYR A 169 33.33 10.50 13.69
N PHE A 170 32.30 10.68 12.86
CA PHE A 170 30.92 10.65 13.32
C PHE A 170 30.61 9.36 14.08
N LEU A 171 31.07 8.23 13.54
CA LEU A 171 30.74 6.94 14.13
C LEU A 171 31.44 6.74 15.47
N LEU A 172 32.71 7.14 15.57
CA LEU A 172 33.41 7.08 16.84
C LEU A 172 32.73 7.97 17.86
N LYS A 173 32.32 9.18 17.45
CA LYS A 173 31.57 10.05 18.34
C LYS A 173 30.32 9.34 18.86
N LEU A 174 29.52 8.78 17.96
CA LEU A 174 28.29 8.11 18.37
C LEU A 174 28.58 6.96 19.32
N ALA A 175 29.58 6.14 19.00
CA ALA A 175 29.89 4.98 19.83
C ALA A 175 30.33 5.37 21.23
N GLY A 176 30.87 6.57 21.41
CA GLY A 176 31.26 7.02 22.73
C GLY A 176 30.16 7.62 23.56
N ARG A 177 28.98 7.83 22.98
CA ARG A 177 27.87 8.43 23.68
C ARG A 177 26.69 7.48 23.87
N TRP A 178 26.59 6.42 23.10
CA TRP A 178 25.57 5.40 23.26
C TRP A 178 26.18 4.05 22.97
N PRO A 179 25.61 2.97 23.52
CA PRO A 179 26.14 1.61 23.28
C PRO A 179 25.79 1.05 21.91
N VAL A 180 26.59 1.42 20.91
CA VAL A 180 26.38 0.97 19.53
C VAL A 180 27.03 -0.39 19.38
N LYS A 181 26.21 -1.44 19.24
CA LYS A 181 26.72 -2.78 18.97
C LYS A 181 26.81 -3.08 17.48
N THR A 182 25.87 -2.57 16.69
CA THR A 182 25.85 -2.82 15.25
C THR A 182 25.34 -1.58 14.53
N VAL A 183 25.88 -1.33 13.35
CA VAL A 183 25.42 -0.25 12.48
C VAL A 183 25.05 -0.86 11.13
N HIS A 184 23.89 -0.45 10.60
CA HIS A 184 23.38 -0.96 9.34
C HIS A 184 23.27 0.21 8.36
N THR A 185 23.88 0.05 7.19
CA THR A 185 23.94 1.13 6.20
C THR A 185 23.78 0.54 4.81
N ASP A 186 23.61 1.43 3.83
CA ASP A 186 23.66 1.02 2.44
C ASP A 186 25.13 0.88 2.02
N ASN A 187 25.38 0.74 0.73
CA ASN A 187 26.72 0.49 0.23
C ASN A 187 27.38 1.73 -0.35
N GLY A 188 27.00 2.92 0.12
CA GLY A 188 27.70 4.12 -0.26
C GLY A 188 29.19 4.01 0.05
N SER A 189 30.00 4.64 -0.80
CA SER A 189 31.44 4.47 -0.69
C SER A 189 31.95 4.85 0.70
N ASN A 190 31.40 5.90 1.29
CA ASN A 190 31.88 6.34 2.60
C ASN A 190 31.66 5.27 3.67
N PHE A 191 30.56 4.52 3.57
CA PHE A 191 30.28 3.49 4.57
C PHE A 191 31.11 2.22 4.36
N THR A 192 31.61 1.99 3.15
CA THR A 192 32.44 0.83 2.85
C THR A 192 33.93 1.12 2.92
N SER A 193 34.31 2.33 3.30
CA SER A 193 35.72 2.70 3.34
C SER A 193 36.46 1.92 4.43
N THR A 194 37.77 1.75 4.22
CA THR A 194 38.59 1.07 5.22
C THR A 194 38.65 1.86 6.52
N THR A 195 38.58 3.18 6.44
CA THR A 195 38.65 4.01 7.65
C THR A 195 37.46 3.73 8.56
N VAL A 196 36.25 3.64 8.00
CA VAL A 196 35.08 3.34 8.81
C VAL A 196 35.17 1.92 9.36
N LYS A 197 35.73 0.99 8.58
CA LYS A 197 35.94 -0.36 9.09
C LYS A 197 36.87 -0.36 10.30
N ALA A 198 37.96 0.40 10.22
CA ALA A 198 38.88 0.50 11.34
C ALA A 198 38.20 1.11 12.56
N ALA A 199 37.40 2.15 12.33
CA ALA A 199 36.68 2.77 13.44
C ALA A 199 35.75 1.78 14.12
N CYS A 200 34.99 1.01 13.32
CA CYS A 200 34.10 0.01 13.89
C CYS A 200 34.89 -1.07 14.62
N TRP A 201 36.03 -1.48 14.08
CA TRP A 201 36.85 -2.48 14.76
C TRP A 201 37.33 -1.97 16.11
N TRP A 202 37.76 -0.71 16.18
CA TRP A 202 38.22 -0.16 17.45
C TRP A 202 37.09 -0.05 18.45
N ALA A 203 35.92 0.40 18.02
CA ALA A 203 34.79 0.61 18.90
C ALA A 203 33.96 -0.65 19.12
N GLY A 204 34.43 -1.80 18.65
CA GLY A 204 33.70 -3.04 18.84
C GLY A 204 32.33 -3.04 18.20
N ILE A 205 32.23 -2.54 16.97
CA ILE A 205 30.96 -2.37 16.28
C ILE A 205 30.91 -3.33 15.09
N LYS A 206 29.81 -4.07 14.96
CA LYS A 206 29.64 -4.99 13.86
C LYS A 206 28.99 -4.16 12.75
N GLN A 207 29.43 -4.36 11.52
CA GLN A 207 28.92 -3.63 10.36
C GLN A 207 28.05 -4.53 9.52
N GLU A 208 26.84 -4.07 9.22
CA GLU A 208 25.91 -4.76 8.33
C GLU A 208 25.61 -3.86 7.15
N PHE A 209 25.67 -4.42 5.94
CA PHE A 209 25.34 -3.68 4.73
C PHE A 209 24.10 -4.29 4.10
N GLY A 210 23.16 -3.45 3.72
CA GLY A 210 21.97 -3.93 3.05
C GLY A 210 22.27 -4.46 1.68
N ILE A 211 21.28 -5.14 1.10
CA ILE A 211 21.42 -5.61 -0.28
C ILE A 211 21.57 -4.40 -1.20
N PRO A 212 22.55 -4.38 -2.09
CA PRO A 212 22.79 -3.16 -2.88
C PRO A 212 21.55 -2.74 -3.66
N TYR A 213 21.34 -1.42 -3.72
CA TYR A 213 20.21 -0.83 -4.42
C TYR A 213 18.89 -1.41 -3.92
N ASN A 214 18.80 -1.61 -2.62
CA ASN A 214 17.57 -2.00 -1.94
C ASN A 214 17.36 -1.07 -0.76
N PRO A 215 16.97 0.18 -1.02
CA PRO A 215 16.81 1.14 0.08
C PRO A 215 15.86 0.67 1.17
N GLN A 216 14.92 -0.21 0.84
CA GLN A 216 14.00 -0.74 1.85
C GLN A 216 14.77 -1.37 3.02
N SER A 217 15.95 -1.93 2.75
CA SER A 217 16.74 -2.54 3.81
C SER A 217 17.16 -1.54 4.86
N GLN A 218 17.25 -0.26 4.50
CA GLN A 218 17.54 0.83 5.42
C GLN A 218 16.30 1.68 5.70
N GLY A 219 15.12 1.10 5.49
CA GLY A 219 13.86 1.83 5.60
C GLY A 219 13.81 2.81 6.75
N VAL A 220 14.08 2.34 7.97
CA VAL A 220 14.00 3.21 9.14
C VAL A 220 14.74 4.51 8.87
N ILE A 221 16.05 4.42 8.61
CA ILE A 221 16.83 5.64 8.47
C ILE A 221 16.34 6.44 7.28
N GLU A 222 15.95 5.76 6.20
CA GLU A 222 15.39 6.46 5.05
C GLU A 222 14.18 7.27 5.48
N SER A 223 13.26 6.64 6.21
CA SER A 223 12.12 7.37 6.74
C SER A 223 12.60 8.56 7.56
N MET A 224 13.58 8.33 8.43
CA MET A 224 14.03 9.41 9.29
C MET A 224 14.61 10.55 8.46
N ASN A 225 15.31 10.22 7.36
CA ASN A 225 15.78 11.28 6.48
C ASN A 225 14.62 12.19 6.14
N LYS A 226 13.54 11.61 5.62
CA LYS A 226 12.33 12.38 5.28
C LYS A 226 11.83 13.21 6.48
N GLU A 227 11.77 12.58 7.65
CA GLU A 227 11.35 13.31 8.85
C GLU A 227 12.31 14.46 9.13
N LEU A 228 13.61 14.17 9.16
CA LEU A 228 14.56 15.23 9.48
C LEU A 228 14.39 16.40 8.53
N LYS A 229 14.36 16.12 7.23
CA LYS A 229 14.22 17.22 6.28
C LYS A 229 12.98 18.02 6.58
N LYS A 230 11.87 17.34 6.84
CA LYS A 230 10.63 18.05 7.14
C LYS A 230 10.86 19.03 8.28
N ILE A 231 11.42 18.53 9.40
CA ILE A 231 11.61 19.40 10.55
C ILE A 231 12.54 20.54 10.18
N ILE A 232 13.58 20.26 9.39
CA ILE A 232 14.49 21.33 8.98
C ILE A 232 13.72 22.43 8.28
N GLY A 233 12.82 22.05 7.37
CA GLY A 233 12.03 23.04 6.67
C GLY A 233 11.18 23.87 7.61
N GLN A 234 10.76 23.28 8.73
CA GLN A 234 9.94 24.02 9.69
C GLN A 234 10.75 25.07 10.43
N VAL A 235 12.06 24.87 10.59
CA VAL A 235 12.85 25.74 11.46
C VAL A 235 13.99 26.41 10.71
N ARG A 236 14.04 26.26 9.39
CA ARG A 236 15.18 26.77 8.63
C ARG A 236 15.33 28.28 8.79
N ASP A 237 14.24 28.99 9.08
CA ASP A 237 14.30 30.44 9.20
C ASP A 237 14.75 30.92 10.57
N GLN A 238 14.87 30.01 11.55
CA GLN A 238 15.36 30.38 12.88
C GLN A 238 16.88 30.36 12.97
N ALA A 239 17.55 29.83 11.96
CA ALA A 239 19.00 29.74 11.95
C ALA A 239 19.54 30.33 10.65
N GLU A 240 20.76 30.86 10.72
CA GLU A 240 21.42 31.36 9.52
C GLU A 240 22.08 30.23 8.74
N HIS A 241 22.70 29.28 9.45
CA HIS A 241 23.46 28.21 8.83
C HIS A 241 22.70 26.90 8.89
N LEU A 242 22.97 26.04 7.90
CA LEU A 242 22.27 24.77 7.80
C LEU A 242 22.62 23.84 8.96
N LYS A 243 23.86 23.89 9.43
CA LYS A 243 24.25 23.00 10.54
C LYS A 243 23.44 23.30 11.80
N THR A 244 23.22 24.58 12.09
CA THR A 244 22.39 24.95 13.23
C THR A 244 20.97 24.44 13.06
N ALA A 245 20.42 24.55 11.86
CA ALA A 245 19.08 24.04 11.61
C ALA A 245 19.03 22.52 11.78
N VAL A 246 20.08 21.83 11.38
CA VAL A 246 20.12 20.37 11.54
C VAL A 246 20.09 20.01 13.01
N GLN A 247 20.90 20.69 13.82
CA GLN A 247 20.91 20.40 15.25
C GLN A 247 19.58 20.76 15.90
N MET A 248 18.97 21.86 15.45
CA MET A 248 17.65 22.22 15.96
C MET A 248 16.63 21.13 15.66
N ALA A 249 16.68 20.59 14.43
CA ALA A 249 15.76 19.53 14.05
C ALA A 249 16.01 18.25 14.83
N VAL A 250 17.28 17.93 15.08
CA VAL A 250 17.59 16.77 15.90
C VAL A 250 16.98 16.91 17.29
N PHE A 251 17.16 18.10 17.89
CA PHE A 251 16.55 18.38 19.19
C PHE A 251 15.03 18.20 19.13
N ILE A 252 14.40 18.81 18.12
CA ILE A 252 12.94 18.77 18.02
C ILE A 252 12.45 17.33 17.91
N HIS A 253 13.10 16.54 17.06
CA HIS A 253 12.68 15.14 16.91
C HIS A 253 12.89 14.35 18.19
N ASN A 254 14.04 14.53 18.84
CA ASN A 254 14.38 13.65 19.96
C ASN A 254 13.58 13.98 21.21
N PHE A 255 13.14 15.24 21.37
CA PHE A 255 12.54 15.65 22.63
C PHE A 255 11.21 16.35 22.49
N LYS A 256 10.83 16.84 21.31
CA LYS A 256 9.62 17.64 21.16
C LYS A 256 8.57 16.98 20.28
N ARG A 257 8.73 15.70 19.98
CA ARG A 257 7.73 14.95 19.22
C ARG A 257 7.44 13.66 19.96
N LYS A 258 6.18 13.47 20.36
CA LYS A 258 5.78 12.33 21.14
C LYS A 258 4.79 11.48 20.35
N GLY A 259 4.86 10.18 20.58
CA GLY A 259 4.01 9.23 19.88
C GLY A 259 4.65 7.86 19.88
N GLY A 260 4.08 6.98 19.06
CA GLY A 260 4.64 5.65 18.93
C GLY A 260 4.56 4.85 20.22
N ILE A 261 5.55 3.97 20.41
CA ILE A 261 5.53 3.04 21.52
C ILE A 261 5.61 3.81 22.83
N GLY A 262 4.63 3.60 23.70
CA GLY A 262 4.64 4.22 25.01
C GLY A 262 4.28 5.68 25.03
N GLY A 263 3.87 6.25 23.90
CA GLY A 263 3.62 7.68 23.85
C GLY A 263 4.84 8.52 24.13
N TYR A 264 6.02 7.93 24.07
CA TYR A 264 7.26 8.60 24.42
C TYR A 264 7.69 9.56 23.33
N SER A 265 8.64 10.42 23.68
CA SER A 265 9.53 11.01 22.69
C SER A 265 10.67 10.04 22.41
N ALA A 266 11.42 10.30 21.34
CA ALA A 266 12.50 9.39 20.99
C ALA A 266 13.57 9.33 22.08
N GLY A 267 13.88 10.48 22.69
CA GLY A 267 14.87 10.48 23.76
C GLY A 267 14.41 9.69 24.97
N GLU A 268 13.17 9.92 25.41
CA GLU A 268 12.63 9.13 26.51
C GLU A 268 12.57 7.66 26.14
N ARG A 269 12.16 7.36 24.90
CA ARG A 269 12.06 5.96 24.49
C ARG A 269 13.42 5.28 24.51
N ILE A 270 14.46 5.95 24.02
CA ILE A 270 15.77 5.31 24.00
C ILE A 270 16.29 5.12 25.42
N VAL A 271 16.06 6.10 26.30
CA VAL A 271 16.44 5.92 27.69
C VAL A 271 15.74 4.70 28.27
N ASP A 272 14.43 4.60 28.04
CA ASP A 272 13.69 3.46 28.57
C ASP A 272 14.20 2.14 27.99
N ILE A 273 14.49 2.12 26.69
CA ILE A 273 14.94 0.89 26.03
C ILE A 273 16.27 0.44 26.65
N ILE A 274 17.22 1.35 26.76
CA ILE A 274 18.55 0.99 27.26
C ILE A 274 18.47 0.58 28.73
N ALA A 275 17.75 1.37 29.53
CA ALA A 275 17.62 1.04 30.95
C ALA A 275 16.93 -0.29 31.14
N THR A 276 15.88 -0.55 30.36
CA THR A 276 15.21 -1.84 30.43
C THR A 276 16.14 -2.97 30.05
N ASP A 277 16.97 -2.76 29.03
CA ASP A 277 17.94 -3.78 28.66
C ASP A 277 18.83 -4.13 29.85
N ILE A 278 19.45 -3.12 30.46
CA ILE A 278 20.36 -3.39 31.58
C ILE A 278 19.61 -4.05 32.73
N GLN A 279 18.44 -3.51 33.08
CA GLN A 279 17.72 -4.00 34.25
C GLN A 279 17.27 -5.45 34.06
N THR A 280 16.69 -5.75 32.89
CA THR A 280 16.24 -7.11 32.64
C THR A 280 17.42 -8.07 32.57
N LYS A 281 18.55 -7.64 32.01
CA LYS A 281 19.72 -8.49 32.01
C LYS A 281 20.14 -8.84 33.43
N GLU A 282 20.21 -7.83 34.30
CA GLU A 282 20.63 -8.08 35.68
C GLU A 282 19.63 -8.98 36.41
N LEU A 283 18.33 -8.72 36.24
CA LEU A 283 17.32 -9.52 36.91
C LEU A 283 17.36 -10.96 36.45
N GLN A 284 17.49 -11.19 35.14
CA GLN A 284 17.55 -12.55 34.62
C GLN A 284 18.82 -13.25 35.11
N LYS A 285 19.93 -12.53 35.18
CA LYS A 285 21.15 -13.13 35.71
C LYS A 285 20.97 -13.56 37.15
N GLN A 286 20.35 -12.70 37.98
CA GLN A 286 20.12 -13.07 39.37
C GLN A 286 19.19 -14.28 39.47
N ILE A 287 18.14 -14.31 38.65
CA ILE A 287 17.21 -15.44 38.69
C ILE A 287 17.93 -16.73 38.32
N THR A 288 18.74 -16.69 37.26
CA THR A 288 19.49 -17.88 36.86
C THR A 288 20.44 -18.32 37.95
N LYS A 289 21.10 -17.35 38.61
CA LYS A 289 22.00 -17.70 39.71
C LYS A 289 21.26 -18.37 40.84
N ILE A 290 20.06 -17.90 41.15
CA ILE A 290 19.29 -18.47 42.26
C ILE A 290 18.55 -19.72 41.82
N GLN A 291 17.85 -19.65 40.68
CA GLN A 291 16.99 -20.74 40.23
C GLN A 291 17.74 -21.64 39.27
N ASN A 292 17.61 -22.95 39.47
CA ASN A 292 18.22 -23.93 38.58
C ASN A 292 17.45 -25.24 38.72
N PHE A 293 16.93 -25.76 37.61
CA PHE A 293 16.14 -26.98 37.62
C PHE A 293 16.25 -27.66 36.27
N ARG A 294 15.86 -28.93 36.23
CA ARG A 294 15.83 -29.72 35.01
C ARG A 294 14.42 -30.26 34.79
N VAL A 295 14.05 -30.35 33.51
CA VAL A 295 12.69 -30.75 33.12
C VAL A 295 12.78 -31.87 32.09
N TYR A 296 11.83 -32.80 32.18
CA TYR A 296 11.67 -33.88 31.20
C TYR A 296 10.26 -33.80 30.64
N TYR A 297 10.16 -33.68 29.31
CA TYR A 297 8.88 -33.58 28.63
C TYR A 297 8.82 -34.62 27.52
N ARG A 298 7.65 -35.24 27.38
CA ARG A 298 7.45 -36.28 26.37
C ARG A 298 8.46 -37.41 26.54
N LYS A 306 12.14 -35.99 26.39
CA LYS A 306 13.19 -36.23 25.41
C LYS A 306 14.56 -36.17 26.07
N GLY A 307 14.77 -35.15 26.90
CA GLY A 307 16.03 -34.96 27.57
C GLY A 307 15.93 -33.97 28.71
N PRO A 308 17.01 -33.80 29.47
CA PRO A 308 17.00 -32.86 30.59
C PRO A 308 17.05 -31.41 30.14
N ALA A 309 15.92 -30.86 29.73
CA ALA A 309 15.87 -29.47 29.30
C ALA A 309 15.97 -28.55 30.52
N LYS A 310 16.28 -27.29 30.25
CA LYS A 310 16.41 -26.27 31.28
C LYS A 310 15.14 -25.44 31.34
N LEU A 311 14.53 -25.37 32.51
CA LEU A 311 13.30 -24.59 32.68
C LEU A 311 13.61 -23.10 32.64
N LEU A 312 12.66 -22.33 32.10
CA LEU A 312 12.76 -20.87 32.05
C LEU A 312 11.63 -20.18 32.78
N TRP A 313 10.40 -20.72 32.72
CA TRP A 313 9.25 -20.10 33.38
C TRP A 313 8.15 -21.13 33.47
N LYS A 314 7.65 -21.37 34.68
CA LYS A 314 6.61 -22.35 34.92
C LYS A 314 5.41 -21.68 35.59
N GLY A 315 4.22 -22.04 35.14
CA GLY A 315 3.00 -21.50 35.71
C GLY A 315 1.95 -21.32 34.64
N GLU A 316 0.73 -21.02 35.11
CA GLU A 316 -0.41 -20.78 34.22
C GLU A 316 -0.68 -21.96 33.30
N GLY A 317 -0.46 -23.17 33.81
CA GLY A 317 -0.68 -24.36 33.00
C GLY A 317 0.15 -24.41 31.74
N ALA A 318 1.42 -24.01 31.84
CA ALA A 318 2.32 -24.03 30.70
C ALA A 318 3.74 -23.90 31.21
N VAL A 319 4.66 -24.63 30.58
CA VAL A 319 6.06 -24.66 30.97
C VAL A 319 6.92 -24.35 29.75
N VAL A 320 7.89 -23.44 29.92
CA VAL A 320 8.81 -23.05 28.87
C VAL A 320 10.16 -23.67 29.18
N ILE A 321 10.74 -24.37 28.21
CA ILE A 321 12.00 -25.09 28.40
C ILE A 321 12.94 -24.80 27.24
N GLN A 322 14.22 -25.00 27.49
CA GLN A 322 15.27 -24.87 26.49
C GLN A 322 15.98 -26.20 26.37
N ASP A 323 16.12 -26.70 25.15
CA ASP A 323 16.76 -27.99 24.89
C ASP A 323 17.51 -27.89 23.57
N ASN A 324 18.82 -28.18 23.62
CA ASN A 324 19.66 -28.12 22.42
C ASN A 324 19.56 -26.76 21.74
N SER A 325 19.57 -25.70 22.55
CA SER A 325 19.45 -24.33 22.05
C SER A 325 18.14 -24.11 21.32
N ASP A 326 17.09 -24.82 21.73
CA ASP A 326 15.75 -24.68 21.15
C ASP A 326 14.77 -24.46 22.29
N ILE A 327 13.92 -23.44 22.15
CA ILE A 327 12.95 -23.06 23.16
C ILE A 327 11.59 -23.64 22.78
N LYS A 328 10.98 -24.36 23.71
CA LYS A 328 9.70 -25.01 23.48
C LYS A 328 8.75 -24.69 24.62
N VAL A 329 7.49 -24.42 24.26
CA VAL A 329 6.42 -24.20 25.22
C VAL A 329 5.51 -25.42 25.20
N VAL A 330 5.29 -26.00 26.38
CA VAL A 330 4.51 -27.25 26.47
C VAL A 330 3.43 -27.09 27.53
N PRO A 331 2.34 -27.85 27.45
CA PRO A 331 1.35 -27.83 28.52
C PRO A 331 1.89 -28.48 29.79
N ARG A 332 1.25 -28.16 30.91
CA ARG A 332 1.70 -28.71 32.19
C ARG A 332 1.71 -30.23 32.17
N ARG A 333 0.84 -30.84 31.38
CA ARG A 333 0.83 -32.29 31.24
C ARG A 333 2.07 -32.76 30.47
N LYS A 334 2.48 -34.00 30.75
CA LYS A 334 3.66 -34.59 30.11
C LYS A 334 4.90 -33.72 30.31
N ALA A 335 5.05 -33.20 31.54
CA ALA A 335 6.20 -32.37 31.88
C ALA A 335 6.50 -32.54 33.36
N LYS A 336 7.68 -33.07 33.68
CA LYS A 336 8.11 -33.29 35.04
C LYS A 336 9.29 -32.40 35.35
N ILE A 337 9.23 -31.69 36.48
CA ILE A 337 10.27 -30.75 36.90
C ILE A 337 11.02 -31.38 38.06
N ILE A 338 12.34 -31.46 37.92
CA ILE A 338 13.20 -32.04 38.95
C ILE A 338 14.14 -30.97 39.49
N LEU B 72 -4.43 -2.12 47.43
CA LEU B 72 -5.25 -1.57 48.51
C LEU B 72 -5.10 -2.38 49.79
N ASP B 73 -5.69 -1.89 50.87
CA ASP B 73 -5.62 -2.54 52.18
C ASP B 73 -4.18 -2.69 52.65
N GLY B 74 -3.33 -1.72 52.29
CA GLY B 74 -1.95 -1.72 52.73
C GLY B 74 -1.47 -0.33 53.12
N ILE B 75 -2.40 0.63 53.14
CA ILE B 75 -2.05 2.00 53.49
C ILE B 75 -1.54 2.09 54.92
N ASP B 76 -2.21 1.38 55.84
CA ASP B 76 -1.78 1.39 57.24
C ASP B 76 -0.37 0.81 57.37
N LYS B 77 -0.09 -0.27 56.67
CA LYS B 77 1.26 -0.85 56.71
C LYS B 77 2.28 0.13 56.16
N ALA B 78 1.95 0.82 55.07
CA ALA B 78 2.86 1.81 54.52
C ALA B 78 3.12 2.94 55.51
N GLN B 79 2.08 3.42 56.18
CA GLN B 79 2.26 4.48 57.18
C GLN B 79 3.14 4.00 58.33
N GLU B 80 2.91 2.79 58.80
CA GLU B 80 3.74 2.24 59.89
C GLU B 80 5.19 2.10 59.45
N GLU B 81 5.41 1.62 58.22
CA GLU B 81 6.78 1.47 57.72
C GLU B 81 7.46 2.81 57.61
N HIS B 82 6.75 3.84 57.13
CA HIS B 82 7.33 5.17 57.05
C HIS B 82 7.67 5.69 58.43
N GLU B 83 6.78 5.49 59.40
CA GLU B 83 7.04 5.96 60.76
C GLU B 83 8.27 5.28 61.35
N LYS B 84 8.39 3.97 61.14
CA LYS B 84 9.48 3.21 61.76
C LYS B 84 10.79 3.30 60.98
N TYR B 85 10.75 3.75 59.73
CA TYR B 85 11.96 3.85 58.91
C TYR B 85 12.10 5.16 58.16
N HIS B 86 11.02 5.90 57.92
CA HIS B 86 11.07 7.12 57.12
C HIS B 86 11.69 6.86 55.75
N SER B 87 11.25 5.76 55.13
CA SER B 87 11.77 5.37 53.83
C SER B 87 11.17 6.24 52.73
N ASN B 88 11.86 6.25 51.59
CA ASN B 88 11.40 7.02 50.44
C ASN B 88 10.16 6.37 49.82
N TRP B 89 9.38 7.20 49.10
CA TRP B 89 8.12 6.73 48.56
C TRP B 89 8.30 5.53 47.63
N ARG B 90 9.42 5.47 46.92
CA ARG B 90 9.65 4.34 46.02
C ARG B 90 9.69 3.03 46.80
N ALA B 91 10.39 3.02 47.94
CA ALA B 91 10.49 1.79 48.73
C ALA B 91 9.13 1.35 49.24
N MET B 92 8.31 2.30 49.73
CA MET B 92 7.00 1.94 50.24
C MET B 92 6.09 1.45 49.13
N ALA B 93 6.14 2.10 47.96
CA ALA B 93 5.32 1.65 46.84
C ALA B 93 5.71 0.27 46.37
N SER B 94 7.01 -0.01 46.28
CA SER B 94 7.46 -1.30 45.77
C SER B 94 7.21 -2.42 46.78
N ASP B 95 7.52 -2.19 48.06
CA ASP B 95 7.41 -3.24 49.06
C ASP B 95 5.95 -3.67 49.24
N PHE B 96 5.06 -2.70 49.45
CA PHE B 96 3.66 -2.99 49.74
C PHE B 96 2.77 -2.93 48.51
N ASN B 97 3.33 -2.70 47.33
CA ASN B 97 2.57 -2.72 46.08
C ASN B 97 1.42 -1.71 46.13
N LEU B 98 1.79 -0.44 46.23
CA LEU B 98 0.83 0.65 46.25
C LEU B 98 1.09 1.58 45.05
N PRO B 99 0.06 2.26 44.56
CA PRO B 99 0.27 3.22 43.47
C PRO B 99 1.23 4.31 43.90
N PRO B 100 2.12 4.77 43.02
CA PRO B 100 3.08 5.80 43.43
C PRO B 100 2.43 7.08 43.92
N VAL B 101 1.25 7.43 43.42
CA VAL B 101 0.57 8.64 43.89
C VAL B 101 0.23 8.50 45.38
N VAL B 102 -0.28 7.34 45.78
CA VAL B 102 -0.66 7.13 47.17
C VAL B 102 0.55 7.20 48.08
N ALA B 103 1.65 6.54 47.68
CA ALA B 103 2.86 6.58 48.49
C ALA B 103 3.43 7.98 48.57
N LYS B 104 3.38 8.72 47.46
CA LYS B 104 3.85 10.11 47.48
C LYS B 104 3.02 10.95 48.43
N GLU B 105 1.70 10.78 48.41
CA GLU B 105 0.85 11.50 49.33
C GLU B 105 1.18 11.15 50.78
N ILE B 106 1.41 9.86 51.05
CA ILE B 106 1.73 9.44 52.42
C ILE B 106 3.03 10.10 52.88
N VAL B 107 4.06 10.05 52.02
CA VAL B 107 5.36 10.58 52.43
C VAL B 107 5.30 12.10 52.58
N ALA B 108 4.54 12.78 51.73
CA ALA B 108 4.41 14.22 51.82
C ALA B 108 3.53 14.66 52.98
N SER B 109 2.68 13.76 53.50
CA SER B 109 1.80 14.14 54.61
C SER B 109 2.60 14.47 55.85
N CYS B 110 3.65 13.69 56.15
CA CYS B 110 4.43 13.87 57.36
C CYS B 110 5.39 15.03 57.16
N ASP B 111 5.22 16.10 57.95
CA ASP B 111 6.08 17.27 57.81
C ASP B 111 7.50 16.95 58.26
N LYS B 112 7.66 16.10 59.26
CA LYS B 112 8.99 15.81 59.79
C LYS B 112 9.88 15.17 58.72
N CYS B 113 9.32 14.26 57.93
CA CYS B 113 10.08 13.57 56.90
C CYS B 113 10.18 14.34 55.59
N GLN B 114 9.57 15.52 55.51
CA GLN B 114 9.64 16.33 54.30
C GLN B 114 11.09 16.70 53.98
N SER B 127 19.02 18.41 39.41
CA SER B 127 20.24 17.61 39.47
C SER B 127 20.43 16.73 38.24
N PRO B 128 19.39 16.00 37.82
CA PRO B 128 19.54 15.12 36.66
C PRO B 128 19.91 15.86 35.38
N GLY B 129 19.49 17.12 35.24
CA GLY B 129 19.73 17.86 34.01
C GLY B 129 20.74 18.98 34.15
N ILE B 130 21.77 18.77 34.99
CA ILE B 130 22.77 19.78 35.27
C ILE B 130 24.07 19.38 34.59
N TRP B 131 24.66 20.32 33.86
CA TRP B 131 25.91 20.09 33.15
C TRP B 131 26.92 21.17 33.47
N GLN B 132 28.19 20.80 33.45
CA GLN B 132 29.30 21.71 33.68
C GLN B 132 30.15 21.78 32.42
N LEU B 133 30.35 22.99 31.90
CA LEU B 133 31.12 23.21 30.68
C LEU B 133 32.47 23.83 31.00
N ASP B 134 33.49 23.43 30.25
CA ASP B 134 34.80 24.05 30.40
C ASP B 134 35.59 23.87 29.11
N CYS B 135 36.66 24.65 28.99
CA CYS B 135 37.58 24.55 27.87
C CYS B 135 38.97 24.23 28.40
N THR B 136 39.53 23.10 27.97
CA THR B 136 40.90 22.75 28.28
C THR B 136 41.74 22.87 27.00
N HIS B 137 43.06 22.79 27.17
CA HIS B 137 43.99 22.95 26.07
C HIS B 137 44.95 21.77 26.04
N LEU B 138 45.25 21.29 24.83
CA LEU B 138 46.20 20.21 24.67
C LEU B 138 46.79 20.29 23.27
N GLU B 139 48.12 20.21 23.19
CA GLU B 139 48.83 20.27 21.91
C GLU B 139 48.40 21.50 21.11
N GLY B 140 48.26 22.63 21.81
CA GLY B 140 47.87 23.86 21.14
C GLY B 140 46.50 23.80 20.51
N LYS B 141 45.58 23.03 21.09
CA LYS B 141 44.23 22.90 20.55
C LYS B 141 43.23 22.98 21.71
N VAL B 142 42.07 23.55 21.40
CA VAL B 142 41.02 23.80 22.39
C VAL B 142 40.06 22.62 22.39
N ILE B 143 39.82 22.06 23.57
CA ILE B 143 38.87 20.96 23.76
C ILE B 143 37.77 21.46 24.67
N LEU B 144 36.55 21.49 24.14
CA LEU B 144 35.35 21.82 24.92
C LEU B 144 34.82 20.55 25.57
N VAL B 145 34.68 20.56 26.88
CA VAL B 145 34.28 19.40 27.67
C VAL B 145 33.00 19.74 28.42
N ALA B 146 32.02 18.84 28.37
CA ALA B 146 30.79 18.94 29.13
C ALA B 146 30.68 17.72 30.02
N VAL B 147 30.37 17.94 31.30
CA VAL B 147 30.27 16.88 32.29
C VAL B 147 28.86 16.88 32.86
N HIS B 148 28.23 15.71 32.88
CA HIS B 148 26.96 15.53 33.56
C HIS B 148 27.26 15.28 35.03
N VAL B 149 26.96 16.27 35.87
CA VAL B 149 27.47 16.26 37.24
C VAL B 149 27.01 15.02 37.99
N ALA B 150 25.72 14.71 37.89
CA ALA B 150 25.17 13.61 38.68
C ALA B 150 25.80 12.27 38.31
N SER B 151 26.19 12.08 37.05
CA SER B 151 26.62 10.78 36.56
C SER B 151 28.11 10.70 36.23
N GLY B 152 28.77 11.82 35.98
CA GLY B 152 30.15 11.78 35.53
C GLY B 152 30.32 11.45 34.06
N TYR B 153 29.25 11.59 33.27
CA TYR B 153 29.28 11.26 31.85
C TYR B 153 29.75 12.48 31.05
N ILE B 154 30.75 12.28 30.20
CA ILE B 154 31.44 13.37 29.51
C ILE B 154 31.07 13.38 28.04
N GLU B 155 30.99 14.59 27.47
CA GLU B 155 30.92 14.81 26.03
C GLU B 155 31.97 15.86 25.69
N ALA B 156 32.98 15.48 24.92
CA ALA B 156 34.11 16.34 24.63
C ALA B 156 34.33 16.45 23.13
N GLU B 157 34.72 17.63 22.67
CA GLU B 157 35.02 17.89 21.28
C GLU B 157 36.25 18.77 21.18
N VAL B 158 36.91 18.71 20.02
CA VAL B 158 37.96 19.66 19.67
C VAL B 158 37.33 20.74 18.81
N ILE B 159 37.51 22.00 19.22
CA ILE B 159 36.90 23.12 18.49
C ILE B 159 38.00 23.93 17.82
N PRO B 160 37.78 24.43 16.59
CA PRO B 160 38.85 25.21 15.94
C PRO B 160 39.29 26.42 16.74
N ALA B 161 38.36 27.10 17.41
CA ALA B 161 38.68 28.28 18.19
C ALA B 161 37.74 28.35 19.38
N GLU B 162 38.21 29.02 20.44
CA GLU B 162 37.43 29.19 21.67
C GLU B 162 36.48 30.37 21.52
N THR B 163 35.60 30.27 20.52
CA THR B 163 34.69 31.34 20.16
C THR B 163 33.28 31.02 20.61
N GLY B 164 32.46 32.07 20.71
CA GLY B 164 31.08 31.89 21.10
C GLY B 164 30.30 31.01 20.15
N GLN B 165 30.57 31.14 18.85
CA GLN B 165 29.84 30.35 17.86
C GLN B 165 30.07 28.86 18.07
N GLU B 166 31.33 28.47 18.27
CA GLU B 166 31.64 27.06 18.46
C GLU B 166 30.97 26.53 19.73
N THR B 167 31.02 27.30 20.81
CA THR B 167 30.37 26.89 22.05
C THR B 167 28.87 26.75 21.87
N ALA B 168 28.25 27.69 21.15
CA ALA B 168 26.82 27.63 20.92
C ALA B 168 26.45 26.39 20.13
N TYR B 169 27.24 26.06 19.09
CA TYR B 169 26.96 24.86 18.31
C TYR B 169 27.11 23.60 19.17
N PHE B 170 28.17 23.54 19.97
CA PHE B 170 28.37 22.40 20.85
C PHE B 170 27.20 22.24 21.82
N LEU B 171 26.76 23.36 22.41
CA LEU B 171 25.66 23.31 23.35
C LEU B 171 24.36 22.88 22.68
N LEU B 172 24.09 23.40 21.49
CA LEU B 172 22.89 22.98 20.76
C LEU B 172 22.91 21.48 20.51
N LYS B 173 24.06 20.95 20.09
CA LYS B 173 24.16 19.50 19.88
C LYS B 173 23.88 18.75 21.17
N LEU B 174 24.54 19.15 22.26
CA LEU B 174 24.36 18.47 23.53
C LEU B 174 22.89 18.47 23.95
N ALA B 175 22.24 19.63 23.84
CA ALA B 175 20.84 19.73 24.20
C ALA B 175 19.99 18.81 23.34
N GLY B 176 20.29 18.73 22.04
CA GLY B 176 19.55 17.84 21.17
C GLY B 176 19.71 16.38 21.53
N ARG B 177 20.86 16.02 22.10
CA ARG B 177 21.13 14.62 22.40
C ARG B 177 20.79 14.21 23.83
N TRP B 178 20.79 15.14 24.78
CA TRP B 178 20.44 14.83 26.16
C TRP B 178 19.54 15.92 26.71
N PRO B 179 18.72 15.60 27.72
CA PRO B 179 17.85 16.64 28.31
C PRO B 179 18.62 17.58 29.23
N VAL B 180 19.27 18.57 28.62
CA VAL B 180 20.08 19.53 29.34
C VAL B 180 19.16 20.63 29.88
N LYS B 181 19.14 20.81 31.19
CA LYS B 181 18.34 21.84 31.83
C LYS B 181 19.15 23.05 32.27
N THR B 182 20.34 22.84 32.81
CA THR B 182 21.20 23.93 33.24
C THR B 182 22.65 23.60 32.93
N VAL B 183 23.44 24.64 32.67
CA VAL B 183 24.86 24.51 32.37
C VAL B 183 25.64 25.47 33.25
N HIS B 184 26.71 24.97 33.86
CA HIS B 184 27.57 25.76 34.73
C HIS B 184 28.90 26.03 34.02
N THR B 185 29.30 27.29 33.96
CA THR B 185 30.51 27.71 33.26
C THR B 185 31.38 28.53 34.19
N ASP B 186 32.57 28.90 33.71
CA ASP B 186 33.58 29.57 34.51
C ASP B 186 33.72 31.06 34.17
N ASN B 187 32.74 31.63 33.47
CA ASN B 187 32.70 33.06 33.16
C ASN B 187 33.66 33.46 32.05
N GLY B 188 34.16 32.51 31.26
CA GLY B 188 34.98 32.86 30.12
C GLY B 188 34.19 33.62 29.07
N SER B 189 34.93 34.31 28.20
CA SER B 189 34.29 35.18 27.21
C SER B 189 33.36 34.39 26.30
N ASN B 190 33.80 33.21 25.84
CA ASN B 190 32.96 32.42 24.95
C ASN B 190 31.65 32.04 25.60
N PHE B 191 31.68 31.66 26.88
CA PHE B 191 30.46 31.23 27.55
C PHE B 191 29.53 32.41 27.82
N THR B 192 30.06 33.61 27.96
CA THR B 192 29.25 34.80 28.19
C THR B 192 28.80 35.48 26.90
N SER B 193 29.16 34.91 25.75
CA SER B 193 28.84 35.53 24.47
C SER B 193 27.34 35.53 24.22
N THR B 194 26.90 36.49 23.41
CA THR B 194 25.48 36.55 23.04
C THR B 194 25.06 35.31 22.26
N THR B 195 25.98 34.69 21.53
CA THR B 195 25.64 33.48 20.80
C THR B 195 25.26 32.35 21.75
N VAL B 196 26.03 32.16 22.81
CA VAL B 196 25.71 31.12 23.77
C VAL B 196 24.40 31.43 24.49
N LYS B 197 24.16 32.72 24.77
CA LYS B 197 22.89 33.10 25.39
C LYS B 197 21.72 32.77 24.48
N ALA B 198 21.84 33.06 23.17
CA ALA B 198 20.78 32.73 22.23
C ALA B 198 20.57 31.22 22.16
N ALA B 199 21.67 30.45 22.11
CA ALA B 199 21.54 29.00 22.06
C ALA B 199 20.83 28.47 23.30
N CYS B 200 21.19 29.00 24.47
CA CYS B 200 20.54 28.57 25.72
C CYS B 200 19.08 28.98 25.74
N TRP B 201 18.74 30.14 25.18
CA TRP B 201 17.35 30.57 25.14
C TRP B 201 16.51 29.65 24.25
N TRP B 202 17.01 29.37 23.05
CA TRP B 202 16.25 28.52 22.14
C TRP B 202 16.07 27.12 22.71
N ALA B 203 17.15 26.54 23.26
CA ALA B 203 17.09 25.22 23.86
C ALA B 203 16.45 25.21 25.24
N GLY B 204 16.06 26.37 25.77
CA GLY B 204 15.47 26.42 27.09
C GLY B 204 16.41 25.96 28.18
N ILE B 205 17.66 26.44 28.14
CA ILE B 205 18.68 26.07 29.11
C ILE B 205 18.99 27.28 29.98
N LYS B 206 19.12 27.05 31.28
CA LYS B 206 19.47 28.09 32.23
C LYS B 206 20.97 28.08 32.49
N GLN B 207 21.60 29.24 32.43
CA GLN B 207 23.03 29.38 32.63
C GLN B 207 23.29 30.01 33.99
N GLU B 208 24.20 29.42 34.76
CA GLU B 208 24.64 29.98 36.02
C GLU B 208 26.16 29.99 36.05
N PHE B 209 26.74 31.16 36.29
CA PHE B 209 28.19 31.30 36.33
C PHE B 209 28.70 31.32 37.76
N GLY B 219 34.72 20.94 42.25
CA GLY B 219 35.97 20.31 41.88
C GLY B 219 35.78 19.09 41.01
N VAL B 220 34.65 19.03 40.32
CA VAL B 220 34.35 17.90 39.45
C VAL B 220 34.89 18.14 38.04
N ILE B 221 34.73 19.36 37.53
CA ILE B 221 35.17 19.65 36.16
C ILE B 221 36.68 19.50 36.03
N GLU B 222 37.43 20.00 37.01
CA GLU B 222 38.89 19.90 36.93
C GLU B 222 39.35 18.46 37.00
N SER B 223 38.77 17.66 37.90
CA SER B 223 39.14 16.26 37.99
C SER B 223 38.80 15.52 36.71
N MET B 224 37.63 15.82 36.13
CA MET B 224 37.25 15.17 34.88
C MET B 224 38.19 15.55 33.76
N ASN B 225 38.63 16.82 33.72
CA ASN B 225 39.60 17.24 32.72
C ASN B 225 40.92 16.49 32.90
N LYS B 226 41.36 16.32 34.14
CA LYS B 226 42.58 15.57 34.39
C LYS B 226 42.45 14.12 33.91
N GLU B 227 41.31 13.48 34.22
CA GLU B 227 41.10 12.11 33.78
C GLU B 227 41.06 12.03 32.26
N LEU B 228 40.41 13.01 31.62
CA LEU B 228 40.34 13.02 30.16
C LEU B 228 41.72 13.17 29.54
N LYS B 229 42.55 14.04 30.10
CA LYS B 229 43.92 14.18 29.61
C LYS B 229 44.70 12.89 29.80
N LYS B 230 44.51 12.22 30.95
CA LYS B 230 45.20 10.96 31.18
C LYS B 230 44.81 9.93 30.13
N ILE B 231 43.51 9.79 29.87
CA ILE B 231 43.06 8.81 28.88
C ILE B 231 43.59 9.17 27.49
N ILE B 232 43.52 10.45 27.14
CA ILE B 232 44.01 10.89 25.84
C ILE B 232 45.48 10.51 25.68
N GLY B 233 46.28 10.79 26.70
CA GLY B 233 47.68 10.38 26.66
C GLY B 233 47.84 8.89 26.51
N GLN B 234 46.98 8.12 27.19
CA GLN B 234 47.06 6.66 27.08
C GLN B 234 46.78 6.20 25.66
N VAL B 235 45.87 6.86 24.96
CA VAL B 235 45.43 6.42 23.64
C VAL B 235 45.92 7.36 22.53
N ARG B 236 46.84 8.26 22.82
CA ARG B 236 47.30 9.20 21.81
C ARG B 236 48.05 8.49 20.68
N ASP B 237 48.69 7.36 20.97
CA ASP B 237 49.47 6.66 19.96
C ASP B 237 48.61 5.84 19.02
N GLN B 238 47.35 5.57 19.38
CA GLN B 238 46.48 4.77 18.54
C GLN B 238 45.78 5.58 17.46
N ALA B 239 45.96 6.89 17.45
CA ALA B 239 45.31 7.78 16.49
C ALA B 239 46.36 8.65 15.82
N GLU B 240 45.90 9.47 14.87
CA GLU B 240 46.76 10.39 14.14
C GLU B 240 46.41 11.85 14.35
N HIS B 241 45.15 12.16 14.65
CA HIS B 241 44.72 13.51 14.93
C HIS B 241 44.22 13.60 16.38
N LEU B 242 44.28 14.80 16.94
CA LEU B 242 43.87 14.98 18.33
C LEU B 242 42.38 14.72 18.51
N LYS B 243 41.56 15.13 17.55
CA LYS B 243 40.12 14.97 17.69
C LYS B 243 39.73 13.49 17.81
N THR B 244 40.35 12.64 17.00
CA THR B 244 40.07 11.20 17.10
C THR B 244 40.46 10.67 18.47
N ALA B 245 41.61 11.09 18.99
CA ALA B 245 42.01 10.66 20.33
C ALA B 245 41.03 11.14 21.38
N VAL B 246 40.52 12.36 21.23
CA VAL B 246 39.56 12.89 22.20
C VAL B 246 38.29 12.05 22.19
N GLN B 247 37.81 11.68 21.00
CA GLN B 247 36.61 10.85 20.94
C GLN B 247 36.86 9.46 21.50
N MET B 248 38.05 8.90 21.26
CA MET B 248 38.38 7.61 21.86
C MET B 248 38.41 7.71 23.38
N ALA B 249 38.94 8.81 23.90
CA ALA B 249 38.97 9.00 25.35
C ALA B 249 37.57 9.12 25.91
N VAL B 250 36.69 9.86 25.22
CA VAL B 250 35.30 9.94 25.66
C VAL B 250 34.68 8.56 25.71
N PHE B 251 34.91 7.75 24.67
CA PHE B 251 34.39 6.39 24.65
C PHE B 251 34.89 5.59 25.85
N ILE B 252 36.21 5.63 26.08
CA ILE B 252 36.80 4.84 27.17
C ILE B 252 36.22 5.25 28.50
N HIS B 253 36.15 6.57 28.75
CA HIS B 253 35.65 7.04 30.03
C HIS B 253 34.19 6.65 30.21
N ASN B 254 33.36 6.90 29.20
CA ASN B 254 31.92 6.72 29.39
C ASN B 254 31.53 5.25 29.48
N PHE B 255 32.21 4.36 28.76
CA PHE B 255 31.75 2.98 28.66
C PHE B 255 32.76 1.92 29.06
N LYS B 256 34.04 2.26 29.22
CA LYS B 256 35.05 1.26 29.56
C LYS B 256 35.65 1.45 30.94
N ARG B 257 35.32 2.54 31.64
CA ARG B 257 35.80 2.77 33.00
C ARG B 257 34.67 2.48 33.97
N LYS B 258 34.81 1.42 34.74
CA LYS B 258 33.82 0.99 35.71
C LYS B 258 34.38 1.13 37.12
N GLY B 259 33.58 1.67 38.04
CA GLY B 259 34.01 1.86 39.40
C GLY B 259 33.01 2.67 40.21
N GLY B 260 32.79 2.27 41.46
CA GLY B 260 31.85 2.97 42.31
C GLY B 260 31.08 2.03 43.22
N ILE B 261 29.84 2.41 43.55
CA ILE B 261 29.03 1.61 44.46
C ILE B 261 28.76 0.22 43.86
N GLY B 262 28.37 0.18 42.59
CA GLY B 262 28.00 -1.06 41.96
C GLY B 262 28.90 -1.47 40.80
N GLY B 263 29.99 -0.75 40.60
CA GLY B 263 30.87 -1.03 39.47
C GLY B 263 30.21 -0.79 38.13
N TYR B 264 29.48 0.32 38.01
CA TYR B 264 28.80 0.67 36.78
C TYR B 264 29.59 1.73 36.02
N SER B 265 29.31 1.81 34.72
CA SER B 265 29.94 2.82 33.87
C SER B 265 29.18 4.15 33.98
N ALA B 266 29.81 5.21 33.48
CA ALA B 266 29.16 6.52 33.47
C ALA B 266 27.95 6.51 32.55
N GLY B 267 28.04 5.85 31.39
CA GLY B 267 26.89 5.77 30.51
C GLY B 267 25.71 5.10 31.16
N GLU B 268 25.95 3.97 31.83
CA GLU B 268 24.89 3.29 32.56
C GLU B 268 24.30 4.19 33.63
N ARG B 269 25.16 4.90 34.36
CA ARG B 269 24.69 5.76 35.45
C ARG B 269 23.82 6.88 34.91
N ILE B 270 24.22 7.51 33.81
CA ILE B 270 23.43 8.61 33.27
C ILE B 270 22.10 8.08 32.72
N VAL B 271 22.13 6.91 32.09
CA VAL B 271 20.86 6.32 31.62
C VAL B 271 19.93 6.08 32.80
N ASP B 272 20.46 5.52 33.89
CA ASP B 272 19.63 5.27 35.07
C ASP B 272 19.09 6.57 35.64
N ILE B 273 19.92 7.60 35.75
CA ILE B 273 19.49 8.87 36.34
C ILE B 273 18.41 9.51 35.48
N ILE B 274 18.59 9.49 34.16
CA ILE B 274 17.60 10.09 33.27
C ILE B 274 16.29 9.30 33.32
N ALA B 275 16.38 7.96 33.39
CA ALA B 275 15.18 7.16 33.54
C ALA B 275 14.44 7.52 34.83
N THR B 276 15.18 7.67 35.93
CA THR B 276 14.55 8.07 37.18
C THR B 276 13.91 9.45 37.07
N ASP B 277 14.57 10.36 36.35
CA ASP B 277 13.99 11.69 36.16
C ASP B 277 12.70 11.62 35.36
N ILE B 278 12.65 10.76 34.34
CA ILE B 278 11.41 10.59 33.57
C ILE B 278 10.32 10.03 34.48
N GLN B 279 10.68 9.04 35.29
CA GLN B 279 9.74 8.50 36.28
C GLN B 279 9.17 9.62 37.15
N THR B 280 10.05 10.47 37.67
CA THR B 280 9.62 11.55 38.54
C THR B 280 8.72 12.54 37.80
N LYS B 281 9.09 12.88 36.56
CA LYS B 281 8.29 13.82 35.79
C LYS B 281 6.90 13.27 35.53
N GLU B 282 6.81 11.98 35.20
CA GLU B 282 5.50 11.38 34.96
C GLU B 282 4.67 11.34 36.22
N LEU B 283 5.30 11.02 37.36
CA LEU B 283 4.58 11.05 38.63
C LEU B 283 4.04 12.44 38.91
N GLN B 284 4.86 13.47 38.70
CA GLN B 284 4.41 14.84 38.92
C GLN B 284 3.28 15.20 37.97
N LYS B 285 3.38 14.77 36.71
CA LYS B 285 2.32 15.08 35.74
C LYS B 285 0.99 14.48 36.18
N GLN B 286 1.00 13.22 36.64
CA GLN B 286 -0.26 12.61 37.06
C GLN B 286 -0.78 13.24 38.34
N ILE B 287 0.11 13.62 39.25
CA ILE B 287 -0.34 14.33 40.45
C ILE B 287 -1.02 15.64 40.06
N THR B 288 -0.43 16.37 39.12
CA THR B 288 -1.03 17.62 38.66
C THR B 288 -2.38 17.38 38.00
N LYS B 289 -2.48 16.32 37.19
CA LYS B 289 -3.74 16.03 36.53
C LYS B 289 -4.82 15.67 37.53
N ILE B 290 -4.46 14.94 38.59
CA ILE B 290 -5.47 14.44 39.51
C ILE B 290 -5.84 15.47 40.57
N GLN B 291 -4.94 16.40 40.91
CA GLN B 291 -5.22 17.33 42.00
C GLN B 291 -6.34 18.31 41.69
N ASN B 292 -6.79 18.38 40.43
CA ASN B 292 -7.83 19.34 40.06
C ASN B 292 -9.24 18.84 40.33
N PHE B 293 -9.40 17.63 40.87
CA PHE B 293 -10.71 17.05 41.10
C PHE B 293 -10.91 16.78 42.59
N ARG B 294 -12.18 16.85 43.01
CA ARG B 294 -12.56 16.59 44.38
C ARG B 294 -13.53 15.42 44.42
N VAL B 295 -13.58 14.74 45.57
CA VAL B 295 -14.36 13.52 45.74
C VAL B 295 -15.28 13.69 46.94
N TYR B 296 -16.56 13.34 46.75
CA TYR B 296 -17.52 13.24 47.84
C TYR B 296 -17.88 11.77 48.01
N TYR B 297 -17.63 11.23 49.21
CA TYR B 297 -17.80 9.81 49.49
C TYR B 297 -18.91 9.62 50.52
N ARG B 298 -19.71 8.58 50.33
CA ARG B 298 -20.81 8.25 51.23
C ARG B 298 -21.79 9.41 51.32
N TRP B 305 -23.56 12.53 52.64
CA TRP B 305 -22.39 12.90 51.86
C TRP B 305 -21.44 13.78 52.69
N LYS B 306 -20.20 13.32 52.84
CA LYS B 306 -19.20 14.07 53.57
C LYS B 306 -18.74 15.28 52.74
N GLY B 307 -17.83 16.05 53.31
CA GLY B 307 -17.30 17.21 52.63
C GLY B 307 -16.32 16.83 51.54
N PRO B 308 -15.90 17.83 50.78
CA PRO B 308 -14.95 17.57 49.69
C PRO B 308 -13.64 16.99 50.22
N ALA B 309 -13.07 16.06 49.46
CA ALA B 309 -11.84 15.39 49.85
C ALA B 309 -10.89 15.32 48.66
N LYS B 310 -9.60 15.31 48.96
CA LYS B 310 -8.58 15.26 47.92
C LYS B 310 -8.62 13.90 47.22
N LEU B 311 -8.43 13.92 45.90
CA LEU B 311 -8.38 12.72 45.09
C LEU B 311 -6.94 12.30 44.89
N LEU B 312 -6.65 11.01 45.13
CA LEU B 312 -5.30 10.47 44.98
C LEU B 312 -5.22 9.43 43.88
N TRP B 313 -6.17 8.50 43.81
CA TRP B 313 -6.12 7.45 42.79
C TRP B 313 -7.53 7.00 42.44
N LYS B 314 -7.74 6.74 41.15
CA LYS B 314 -9.03 6.27 40.63
C LYS B 314 -8.77 4.95 39.90
N GLY B 315 -9.05 3.84 40.57
CA GLY B 315 -8.81 2.52 40.02
C GLY B 315 -10.02 1.99 39.25
N GLU B 316 -10.02 0.67 39.07
CA GLU B 316 -11.09 0.01 38.33
C GLU B 316 -12.27 -0.38 39.21
N GLY B 317 -12.06 -0.54 40.51
CA GLY B 317 -13.13 -0.92 41.41
C GLY B 317 -13.06 -0.23 42.76
N ALA B 318 -12.16 0.75 42.89
CA ALA B 318 -12.01 1.47 44.14
C ALA B 318 -11.40 2.83 43.85
N VAL B 319 -11.56 3.75 44.80
CA VAL B 319 -11.01 5.09 44.71
C VAL B 319 -10.28 5.40 46.01
N VAL B 320 -9.01 5.77 45.91
CA VAL B 320 -8.20 6.10 47.07
C VAL B 320 -8.17 7.61 47.20
N ILE B 321 -8.62 8.12 48.35
CA ILE B 321 -8.75 9.56 48.59
C ILE B 321 -8.11 9.89 49.92
N GLN B 322 -7.98 11.19 50.18
CA GLN B 322 -7.43 11.70 51.43
C GLN B 322 -8.43 12.68 52.04
N ASP B 323 -8.71 12.52 53.33
CA ASP B 323 -9.62 13.39 54.05
C ASP B 323 -8.98 13.78 55.38
N ASN B 324 -8.57 15.03 55.49
CA ASN B 324 -7.98 15.56 56.72
C ASN B 324 -6.80 14.70 57.17
N SER B 325 -5.78 14.64 56.31
CA SER B 325 -4.54 13.90 56.57
C SER B 325 -4.80 12.42 56.81
N ASP B 326 -5.95 11.91 56.38
CA ASP B 326 -6.30 10.51 56.51
C ASP B 326 -6.62 9.95 55.12
N ILE B 327 -5.96 8.87 54.76
CA ILE B 327 -6.12 8.24 53.44
C ILE B 327 -7.05 7.05 53.59
N LYS B 328 -8.04 6.96 52.70
CA LYS B 328 -9.07 5.93 52.78
C LYS B 328 -9.38 5.42 51.39
N VAL B 329 -10.00 4.23 51.36
CA VAL B 329 -10.45 3.58 50.14
C VAL B 329 -11.98 3.59 50.13
N VAL B 330 -12.56 3.87 48.97
CA VAL B 330 -14.01 3.97 48.85
C VAL B 330 -14.47 3.18 47.62
N PRO B 331 -15.57 2.43 47.71
CA PRO B 331 -16.14 1.84 46.50
C PRO B 331 -16.53 2.91 45.49
N ARG B 332 -16.47 2.53 44.21
CA ARG B 332 -16.78 3.49 43.15
C ARG B 332 -18.21 4.02 43.27
N ARG B 333 -19.16 3.13 43.56
CA ARG B 333 -20.56 3.53 43.62
C ARG B 333 -20.79 4.58 44.70
N LYS B 334 -20.09 4.49 45.83
CA LYS B 334 -20.30 5.37 46.96
C LYS B 334 -19.56 6.69 46.83
N ALA B 335 -18.77 6.89 45.77
CA ALA B 335 -17.97 8.09 45.61
C ALA B 335 -18.35 8.79 44.31
N LYS B 336 -18.35 10.13 44.36
CA LYS B 336 -18.60 10.97 43.20
C LYS B 336 -17.44 11.93 43.03
N ILE B 337 -16.90 12.01 41.82
CA ILE B 337 -15.74 12.84 41.51
C ILE B 337 -16.20 13.99 40.63
N ILE B 338 -15.87 15.22 41.03
CA ILE B 338 -16.24 16.42 40.30
C ILE B 338 -15.01 17.32 40.16
N ARG B 339 -15.18 18.36 39.35
CA ARG B 339 -14.12 19.33 39.09
C ARG B 339 -14.54 20.70 39.63
N ASP B 340 -13.64 21.33 40.38
CA ASP B 340 -13.91 22.65 40.94
C ASP B 340 -13.03 23.71 40.28
N ASN C 40 14.31 -29.69 -6.49
CA ASN C 40 15.06 -28.45 -6.44
C ASN C 40 14.15 -27.26 -6.73
N PHE C 41 14.73 -26.07 -6.79
CA PHE C 41 14.00 -24.84 -7.02
C PHE C 41 14.63 -24.06 -8.17
N ARG C 42 13.79 -23.44 -8.98
CA ARG C 42 14.23 -22.46 -9.97
C ARG C 42 13.88 -21.07 -9.46
N VAL C 43 14.85 -20.17 -9.46
CA VAL C 43 14.65 -18.81 -8.96
C VAL C 43 14.90 -17.83 -10.10
N TYR C 44 13.96 -16.92 -10.31
CA TYR C 44 14.09 -15.85 -11.27
C TYR C 44 14.06 -14.53 -10.52
N TYR C 45 15.02 -13.65 -10.80
CA TYR C 45 15.28 -12.51 -9.93
C TYR C 45 15.62 -11.26 -10.75
N ARG C 46 15.38 -10.11 -10.12
CA ARG C 46 15.81 -8.81 -10.59
C ARG C 46 16.99 -8.37 -9.75
N ASP C 47 18.15 -8.14 -10.39
CA ASP C 47 19.41 -8.16 -9.64
C ASP C 47 19.71 -6.83 -8.95
N SER C 48 20.05 -5.78 -9.72
CA SER C 48 20.49 -4.53 -9.11
C SER C 48 20.33 -3.41 -10.13
N ARG C 49 19.26 -2.62 -9.99
CA ARG C 49 19.02 -1.48 -10.88
C ARG C 49 18.81 -1.91 -12.33
N ASP C 50 18.85 -3.21 -12.61
CA ASP C 50 18.65 -3.70 -13.96
C ASP C 50 17.21 -4.14 -14.10
N PRO C 51 16.40 -3.49 -14.95
CA PRO C 51 14.98 -3.87 -15.04
C PRO C 51 14.75 -5.25 -15.64
N VAL C 52 15.78 -5.91 -16.16
CA VAL C 52 15.61 -7.18 -16.86
C VAL C 52 15.69 -8.31 -15.85
N TRP C 53 14.67 -9.18 -15.85
CA TRP C 53 14.67 -10.35 -14.98
C TRP C 53 15.63 -11.40 -15.52
N LYS C 54 16.23 -12.14 -14.60
CA LYS C 54 17.22 -13.15 -14.91
C LYS C 54 16.80 -14.50 -14.31
N GLY C 55 17.65 -15.50 -14.48
CA GLY C 55 17.39 -16.83 -14.01
C GLY C 55 17.20 -17.82 -15.13
N PRO C 56 16.93 -19.08 -14.78
CA PRO C 56 16.77 -19.61 -13.42
C PRO C 56 18.09 -19.73 -12.68
N ALA C 57 18.05 -19.60 -11.35
CA ALA C 57 19.21 -19.77 -10.50
C ALA C 57 18.87 -20.73 -9.37
N LYS C 58 19.87 -21.45 -8.89
CA LYS C 58 19.66 -22.35 -7.77
C LYS C 58 19.35 -21.56 -6.50
N LEU C 59 18.49 -22.13 -5.67
CA LEU C 59 18.13 -21.53 -4.38
C LEU C 59 19.03 -22.14 -3.32
N LEU C 60 20.07 -21.41 -2.93
CA LEU C 60 20.93 -21.88 -1.86
C LEU C 60 20.28 -21.68 -0.49
N TRP C 61 19.55 -20.59 -0.30
CA TRP C 61 19.03 -20.29 1.02
C TRP C 61 17.83 -19.35 0.91
N LYS C 62 16.87 -19.52 1.81
CA LYS C 62 15.67 -18.71 1.85
C LYS C 62 15.48 -18.15 3.25
N GLY C 63 15.34 -16.83 3.35
CA GLY C 63 15.16 -16.16 4.61
C GLY C 63 13.80 -15.50 4.74
N GLU C 64 13.67 -14.68 5.78
CA GLU C 64 12.42 -13.98 6.02
C GLU C 64 12.09 -13.03 4.88
N GLY C 65 13.06 -12.24 4.45
CA GLY C 65 12.82 -11.23 3.44
C GLY C 65 13.83 -11.23 2.31
N ALA C 66 14.61 -12.30 2.18
CA ALA C 66 15.64 -12.36 1.16
C ALA C 66 16.00 -13.82 0.88
N VAL C 67 16.69 -14.02 -0.23
CA VAL C 67 17.16 -15.35 -0.63
C VAL C 67 18.60 -15.22 -1.13
N VAL C 68 19.34 -16.31 -1.01
CA VAL C 68 20.67 -16.44 -1.58
C VAL C 68 20.61 -17.49 -2.68
N ILE C 69 21.06 -17.10 -3.88
CA ILE C 69 20.94 -17.90 -5.08
C ILE C 69 22.31 -18.00 -5.74
N GLN C 70 22.43 -18.94 -6.68
CA GLN C 70 23.65 -19.14 -7.45
C GLN C 70 23.28 -19.16 -8.93
N ASP C 71 23.72 -18.14 -9.66
CA ASP C 71 23.49 -18.04 -11.10
C ASP C 71 24.84 -17.96 -11.80
N ASN C 72 25.07 -18.88 -12.74
CA ASN C 72 26.31 -18.91 -13.52
C ASN C 72 27.53 -18.89 -12.61
N SER C 73 27.48 -19.73 -11.58
CA SER C 73 28.60 -19.87 -10.63
C SER C 73 28.87 -18.57 -9.89
N ASP C 74 27.84 -17.74 -9.71
CA ASP C 74 27.95 -16.49 -8.97
C ASP C 74 26.87 -16.45 -7.91
N ILE C 75 27.27 -16.24 -6.66
CA ILE C 75 26.34 -16.20 -5.55
C ILE C 75 25.81 -14.78 -5.41
N LYS C 76 24.50 -14.64 -5.27
CA LYS C 76 23.85 -13.35 -5.15
C LYS C 76 22.81 -13.39 -4.03
N VAL C 77 22.56 -12.22 -3.45
CA VAL C 77 21.58 -12.06 -2.39
C VAL C 77 20.50 -11.12 -2.91
N VAL C 78 19.26 -11.58 -2.90
CA VAL C 78 18.16 -10.86 -3.53
C VAL C 78 16.99 -10.72 -2.56
N PRO C 79 16.39 -9.56 -2.42
CA PRO C 79 15.16 -9.47 -1.62
C PRO C 79 14.07 -10.33 -2.24
N ARG C 80 13.27 -10.95 -1.36
CA ARG C 80 12.19 -11.81 -1.85
C ARG C 80 11.18 -11.02 -2.66
N ARG C 81 11.09 -9.71 -2.44
CA ARG C 81 10.29 -8.86 -3.31
C ARG C 81 10.77 -8.93 -4.75
N LYS C 82 12.06 -9.20 -4.97
CA LYS C 82 12.66 -9.16 -6.28
C LYS C 82 13.01 -10.56 -6.79
N ALA C 83 12.34 -11.58 -6.27
CA ALA C 83 12.62 -12.97 -6.64
C ALA C 83 11.32 -13.74 -6.72
N LYS C 84 11.33 -14.78 -7.56
CA LYS C 84 10.25 -15.76 -7.64
C LYS C 84 10.85 -17.14 -7.62
N ILE C 85 10.37 -17.98 -6.71
CA ILE C 85 10.84 -19.34 -6.53
C ILE C 85 9.77 -20.30 -7.06
N ILE C 86 10.20 -21.29 -7.83
CA ILE C 86 9.30 -22.30 -8.38
C ILE C 86 9.84 -23.68 -8.03
N PHE F 71 -6.75 26.12 32.13
CA PHE F 71 -6.04 25.77 30.87
C PHE F 71 -5.68 27.03 30.08
N LEU F 72 -5.06 28.00 30.74
CA LEU F 72 -4.64 29.24 30.09
C LEU F 72 -3.14 29.44 30.11
N ASP F 73 -2.51 29.37 31.30
CA ASP F 73 -1.06 29.48 31.35
C ASP F 73 -0.40 28.31 30.64
N GLY F 74 -0.95 27.11 30.81
CA GLY F 74 -0.46 25.98 30.03
C GLY F 74 -0.57 26.23 28.54
N ILE F 75 -1.68 26.83 28.10
CA ILE F 75 -1.84 27.13 26.69
C ILE F 75 -0.78 28.11 26.22
N ASP F 76 -0.52 29.15 27.00
CA ASP F 76 0.48 30.15 26.60
C ASP F 76 1.87 29.53 26.50
N LYS F 77 2.25 28.74 27.52
CA LYS F 77 3.55 28.09 27.50
C LYS F 77 3.65 27.14 26.33
N ALA F 78 2.59 26.38 26.05
CA ALA F 78 2.59 25.48 24.91
C ALA F 78 2.72 26.23 23.60
N GLN F 79 2.05 27.38 23.48
CA GLN F 79 2.12 28.16 22.25
C GLN F 79 3.55 28.67 22.01
N GLU F 80 4.21 29.17 23.04
CA GLU F 80 5.59 29.61 22.89
C GLU F 80 6.50 28.43 22.53
N GLU F 81 6.36 27.33 23.27
CA GLU F 81 7.14 26.13 22.98
C GLU F 81 6.95 25.67 21.54
N HIS F 82 5.72 25.76 21.04
CA HIS F 82 5.43 25.32 19.68
C HIS F 82 6.05 26.28 18.66
N GLU F 83 5.88 27.58 18.88
CA GLU F 83 6.46 28.57 17.98
C GLU F 83 7.95 28.31 17.82
N LYS F 84 8.61 27.89 18.90
CA LYS F 84 10.04 27.60 18.78
C LYS F 84 10.28 26.23 18.12
N TYR F 85 9.61 25.19 18.61
CA TYR F 85 9.94 23.82 18.26
C TYR F 85 8.92 23.14 17.35
N HIS F 86 7.70 23.67 17.26
CA HIS F 86 6.62 23.00 16.55
C HIS F 86 6.41 21.59 17.09
N SER F 87 6.21 21.50 18.40
CA SER F 87 5.88 20.24 19.03
C SER F 87 4.54 19.72 18.51
N ASN F 88 4.44 18.41 18.33
CA ASN F 88 3.17 17.84 17.96
C ASN F 88 2.23 17.81 19.17
N TRP F 89 0.95 17.54 18.90
CA TRP F 89 -0.06 17.71 19.94
C TRP F 89 0.18 16.77 21.12
N ARG F 90 0.67 15.56 20.87
CA ARG F 90 0.93 14.64 21.98
C ARG F 90 1.98 15.22 22.93
N ALA F 91 3.06 15.77 22.37
CA ALA F 91 4.12 16.32 23.20
C ALA F 91 3.61 17.47 24.06
N MET F 92 2.82 18.35 23.48
CA MET F 92 2.29 19.48 24.23
C MET F 92 1.31 19.04 25.30
N ALA F 93 0.43 18.09 24.95
CA ALA F 93 -0.51 17.55 25.94
C ALA F 93 0.24 16.93 27.11
N SER F 94 1.32 16.21 26.83
CA SER F 94 2.08 15.59 27.91
C SER F 94 2.79 16.63 28.76
N ASP F 95 3.45 17.60 28.13
CA ASP F 95 4.37 18.48 28.83
C ASP F 95 3.69 19.71 29.43
N PHE F 96 2.42 19.96 29.12
CA PHE F 96 1.74 21.14 29.64
C PHE F 96 0.35 20.81 30.19
N ASN F 97 0.11 19.56 30.55
CA ASN F 97 -1.13 19.14 31.21
C ASN F 97 -2.35 19.62 30.41
N LEU F 98 -2.26 19.51 29.09
CA LEU F 98 -3.35 19.98 28.26
C LEU F 98 -4.21 18.82 27.78
N PRO F 99 -5.52 19.02 27.63
CA PRO F 99 -6.35 18.00 27.00
C PRO F 99 -6.01 17.87 25.52
N PRO F 100 -6.21 16.69 24.94
CA PRO F 100 -5.84 16.51 23.52
C PRO F 100 -6.48 17.52 22.58
N VAL F 101 -7.72 17.94 22.85
CA VAL F 101 -8.41 18.83 21.93
C VAL F 101 -7.66 20.16 21.80
N VAL F 102 -7.24 20.74 22.92
CA VAL F 102 -6.60 22.05 22.86
C VAL F 102 -5.22 21.95 22.22
N ALA F 103 -4.47 20.90 22.55
CA ALA F 103 -3.17 20.71 21.92
C ALA F 103 -3.31 20.57 20.41
N LYS F 104 -4.29 19.78 19.97
CA LYS F 104 -4.54 19.63 18.55
C LYS F 104 -4.93 20.96 17.92
N GLU F 105 -5.71 21.77 18.64
CA GLU F 105 -6.06 23.09 18.11
C GLU F 105 -4.82 23.95 17.93
N ILE F 106 -3.89 23.91 18.90
CA ILE F 106 -2.65 24.63 18.75
C ILE F 106 -1.92 24.19 17.49
N VAL F 107 -1.77 22.88 17.31
CA VAL F 107 -1.07 22.38 16.13
C VAL F 107 -1.80 22.80 14.86
N ALA F 108 -3.13 22.80 14.89
CA ALA F 108 -3.91 23.07 13.69
C ALA F 108 -3.87 24.55 13.32
N SER F 109 -3.64 25.43 14.29
CA SER F 109 -3.58 26.86 14.01
C SER F 109 -2.23 27.30 13.46
N CYS F 110 -1.28 26.38 13.29
CA CYS F 110 0.05 26.71 12.80
C CYS F 110 0.18 26.32 11.34
N ASP F 111 0.45 27.29 10.47
CA ASP F 111 0.61 27.00 9.05
C ASP F 111 1.81 26.07 8.82
N LYS F 112 2.90 26.29 9.54
CA LYS F 112 4.13 25.55 9.31
C LYS F 112 4.01 24.06 9.61
N CYS F 113 2.97 23.62 10.29
CA CYS F 113 2.80 22.20 10.62
C CYS F 113 1.78 21.49 9.74
N GLN F 114 1.27 22.15 8.69
CA GLN F 114 0.34 21.52 7.75
C GLN F 114 1.15 21.06 6.55
N LEU F 115 1.62 19.81 6.60
CA LEU F 115 2.53 19.29 5.59
C LEU F 115 2.17 17.88 5.15
N LYS F 116 0.87 17.54 5.09
CA LYS F 116 0.49 16.18 4.78
C LYS F 116 -0.98 16.14 4.39
N GLY F 117 -1.27 15.56 3.22
CA GLY F 117 -2.64 15.43 2.76
C GLY F 117 -3.31 14.18 3.27
N GLU F 118 -4.63 14.16 3.16
CA GLU F 118 -5.39 13.04 3.70
C GLU F 118 -5.03 11.75 2.96
N ALA F 119 -4.92 10.67 3.72
CA ALA F 119 -4.47 9.38 3.21
C ALA F 119 -5.66 8.66 2.59
N MET F 120 -5.83 8.86 1.29
CA MET F 120 -6.88 8.18 0.54
C MET F 120 -6.53 8.24 -0.95
N HIS F 121 -7.32 7.55 -1.75
CA HIS F 121 -7.23 7.63 -3.20
C HIS F 121 -8.62 7.82 -3.77
N GLY F 122 -8.70 8.58 -4.84
CA GLY F 122 -9.92 8.71 -5.60
C GLY F 122 -10.15 7.50 -6.48
N GLN F 123 -11.14 7.62 -7.37
CA GLN F 123 -11.46 6.57 -8.33
C GLN F 123 -11.70 7.21 -9.68
N VAL F 124 -11.04 6.67 -10.71
CA VAL F 124 -11.19 7.23 -12.05
C VAL F 124 -12.55 6.85 -12.63
N ASP F 125 -12.99 7.66 -13.59
CA ASP F 125 -14.21 7.34 -14.33
C ASP F 125 -14.02 6.06 -15.13
N CYS F 126 -15.03 5.19 -15.08
CA CYS F 126 -14.98 3.91 -15.79
C CYS F 126 -16.20 3.75 -16.69
N SER F 127 -16.76 4.84 -17.18
CA SER F 127 -17.94 4.78 -18.02
C SER F 127 -17.62 4.07 -19.34
N PRO F 128 -18.63 3.48 -19.98
CA PRO F 128 -18.36 2.67 -21.19
C PRO F 128 -17.70 3.45 -22.32
N GLY F 129 -17.87 4.77 -22.37
CA GLY F 129 -17.36 5.58 -23.46
C GLY F 129 -16.04 6.29 -23.23
N ILE F 130 -15.35 6.04 -22.11
CA ILE F 130 -14.13 6.77 -21.77
C ILE F 130 -12.92 5.95 -22.16
N TRP F 131 -11.98 6.58 -22.85
CA TRP F 131 -10.66 6.01 -23.12
C TRP F 131 -9.61 6.88 -22.46
N GLN F 132 -8.55 6.25 -21.98
CA GLN F 132 -7.40 6.94 -21.43
C GLN F 132 -6.23 6.82 -22.39
N LEU F 133 -5.64 7.96 -22.76
CA LEU F 133 -4.56 8.01 -23.73
C LEU F 133 -3.29 8.54 -23.07
N ASP F 134 -2.15 8.04 -23.53
CA ASP F 134 -0.87 8.50 -23.02
C ASP F 134 0.23 8.09 -23.99
N CYS F 135 1.33 8.83 -23.94
CA CYS F 135 2.54 8.49 -24.67
C CYS F 135 3.53 7.79 -23.75
N THR F 136 4.29 6.89 -24.32
CA THR F 136 5.38 6.23 -23.61
C THR F 136 6.55 6.11 -24.58
N HIS F 137 7.73 5.79 -24.04
CA HIS F 137 8.95 5.79 -24.83
C HIS F 137 9.66 4.45 -24.69
N LEU F 138 10.20 3.97 -25.81
CA LEU F 138 10.90 2.70 -25.83
C LEU F 138 11.92 2.73 -26.96
N GLU F 139 13.18 2.44 -26.62
CA GLU F 139 14.26 2.39 -27.61
C GLU F 139 14.31 3.67 -28.44
N GLY F 140 14.11 4.80 -27.78
CA GLY F 140 14.17 6.08 -28.47
C GLY F 140 13.03 6.35 -29.42
N LYS F 141 11.91 5.66 -29.26
CA LYS F 141 10.74 5.86 -30.11
C LYS F 141 9.51 6.08 -29.26
N VAL F 142 8.55 6.81 -29.81
CA VAL F 142 7.34 7.21 -29.11
C VAL F 142 6.22 6.24 -29.47
N ILE F 143 5.56 5.70 -28.44
CA ILE F 143 4.41 4.81 -28.59
C ILE F 143 3.20 5.53 -28.01
N LEU F 144 2.19 5.76 -28.84
CA LEU F 144 0.92 6.28 -28.39
C LEU F 144 0.02 5.11 -28.01
N VAL F 145 -0.59 5.19 -26.82
CA VAL F 145 -1.36 4.08 -26.25
C VAL F 145 -2.70 4.63 -25.76
N ALA F 146 -3.77 3.95 -26.14
CA ALA F 146 -5.11 4.21 -25.63
C ALA F 146 -5.63 2.94 -24.97
N VAL F 147 -6.42 3.10 -23.92
CA VAL F 147 -7.05 1.98 -23.22
C VAL F 147 -8.52 2.31 -23.02
N HIS F 148 -9.38 1.35 -23.32
CA HIS F 148 -10.80 1.45 -22.97
C HIS F 148 -10.93 1.11 -21.49
N VAL F 149 -11.29 2.10 -20.68
CA VAL F 149 -11.20 1.94 -19.23
C VAL F 149 -12.09 0.80 -18.76
N ALA F 150 -13.35 0.78 -19.19
CA ALA F 150 -14.29 -0.21 -18.68
C ALA F 150 -13.82 -1.64 -18.94
N SER F 151 -13.08 -1.87 -20.02
CA SER F 151 -12.70 -3.22 -20.41
C SER F 151 -11.21 -3.51 -20.31
N GLY F 152 -10.35 -2.50 -20.29
CA GLY F 152 -8.92 -2.74 -20.37
C GLY F 152 -8.42 -3.06 -21.75
N TYR F 153 -9.22 -2.80 -22.79
CA TYR F 153 -8.83 -3.07 -24.17
C TYR F 153 -7.96 -1.93 -24.67
N ILE F 154 -6.78 -2.27 -25.20
CA ILE F 154 -5.80 -1.26 -25.57
C ILE F 154 -5.61 -1.24 -27.09
N GLU F 155 -5.25 -0.06 -27.57
CA GLU F 155 -4.76 0.17 -28.92
C GLU F 155 -3.45 0.95 -28.80
N ALA F 156 -2.51 0.68 -29.70
CA ALA F 156 -1.22 1.34 -29.61
C ALA F 156 -0.60 1.45 -31.00
N GLU F 157 0.34 2.39 -31.13
CA GLU F 157 1.17 2.42 -32.32
C GLU F 157 2.35 3.37 -32.11
N VAL F 158 3.47 3.02 -32.77
CA VAL F 158 4.62 3.92 -32.83
C VAL F 158 4.26 5.12 -33.68
N ILE F 159 4.70 6.29 -33.26
CA ILE F 159 4.54 7.50 -34.05
C ILE F 159 5.90 8.17 -34.19
N PRO F 160 6.25 8.72 -35.36
CA PRO F 160 7.59 9.32 -35.51
C PRO F 160 7.86 10.46 -34.55
N ALA F 161 6.85 11.27 -34.24
CA ALA F 161 7.03 12.43 -33.39
C ALA F 161 5.89 12.54 -32.39
N GLU F 162 6.21 13.01 -31.19
CA GLU F 162 5.23 13.20 -30.12
C GLU F 162 4.53 14.55 -30.32
N THR F 163 3.70 14.61 -31.36
CA THR F 163 3.12 15.86 -31.81
C THR F 163 1.60 15.74 -31.90
N GLY F 164 0.96 16.90 -31.98
CA GLY F 164 -0.49 16.95 -32.05
C GLY F 164 -1.06 16.33 -33.31
N GLN F 165 -0.36 16.46 -34.44
CA GLN F 165 -0.86 15.91 -35.69
C GLN F 165 -0.97 14.39 -35.63
N GLU F 166 0.09 13.73 -35.18
CA GLU F 166 0.07 12.27 -35.09
C GLU F 166 -0.96 11.82 -34.06
N THR F 167 -1.07 12.53 -32.94
CA THR F 167 -2.06 12.18 -31.95
C THR F 167 -3.47 12.30 -32.51
N ALA F 168 -3.72 13.37 -33.28
CA ALA F 168 -5.05 13.57 -33.84
C ALA F 168 -5.37 12.51 -34.89
N TYR F 169 -4.38 12.10 -35.68
CA TYR F 169 -4.62 11.04 -36.66
C TYR F 169 -4.92 9.72 -35.94
N PHE F 170 -4.13 9.38 -34.93
CA PHE F 170 -4.40 8.21 -34.10
C PHE F 170 -5.81 8.26 -33.51
N LEU F 171 -6.21 9.43 -33.02
CA LEU F 171 -7.48 9.57 -32.33
C LEU F 171 -8.65 9.47 -33.29
N LEU F 172 -8.51 10.06 -34.48
CA LEU F 172 -9.54 9.92 -35.50
C LEU F 172 -9.68 8.45 -35.91
N LYS F 173 -8.56 7.75 -36.07
CA LYS F 173 -8.62 6.32 -36.34
C LYS F 173 -9.41 5.60 -35.25
N LEU F 174 -9.05 5.83 -33.98
CA LEU F 174 -9.72 5.14 -32.89
C LEU F 174 -11.22 5.43 -32.89
N ALA F 175 -11.59 6.70 -33.06
CA ALA F 175 -13.00 7.08 -33.04
C ALA F 175 -13.79 6.45 -34.16
N GLY F 176 -13.14 6.10 -35.27
CA GLY F 176 -13.82 5.45 -36.38
C GLY F 176 -13.97 3.96 -36.23
N ARG F 177 -13.37 3.37 -35.21
CA ARG F 177 -13.41 1.93 -34.99
C ARG F 177 -14.10 1.51 -33.70
N TRP F 178 -14.25 2.41 -32.74
CA TRP F 178 -15.00 2.15 -31.52
C TRP F 178 -15.74 3.43 -31.13
N PRO F 179 -16.83 3.30 -30.38
CA PRO F 179 -17.60 4.49 -29.96
C PRO F 179 -16.94 5.26 -28.82
N VAL F 180 -16.00 6.14 -29.19
CA VAL F 180 -15.26 6.95 -28.23
C VAL F 180 -16.08 8.20 -27.92
N LYS F 181 -16.66 8.24 -26.71
CA LYS F 181 -17.39 9.43 -26.27
C LYS F 181 -16.49 10.41 -25.56
N THR F 182 -15.51 9.93 -24.80
CA THR F 182 -14.62 10.81 -24.04
C THR F 182 -13.22 10.20 -24.01
N VAL F 183 -12.21 11.07 -24.04
CA VAL F 183 -10.81 10.66 -23.90
C VAL F 183 -10.21 11.43 -22.74
N HIS F 184 -9.48 10.72 -21.88
CA HIS F 184 -8.86 11.30 -20.70
C HIS F 184 -7.35 11.14 -20.81
N THR F 185 -6.62 12.24 -20.70
CA THR F 185 -5.17 12.25 -20.89
C THR F 185 -4.53 13.17 -19.87
N ASP F 186 -3.21 13.11 -19.79
CA ASP F 186 -2.45 14.09 -19.03
C ASP F 186 -2.32 15.36 -19.86
N ASN F 187 -1.48 16.29 -19.43
CA ASN F 187 -1.35 17.59 -20.07
C ASN F 187 -0.12 17.69 -20.97
N GLY F 188 0.34 16.56 -21.51
CA GLY F 188 1.40 16.61 -22.50
C GLY F 188 1.01 17.51 -23.67
N SER F 189 2.01 18.17 -24.24
CA SER F 189 1.74 19.18 -25.27
C SER F 189 0.93 18.59 -26.43
N ASN F 190 1.24 17.35 -26.82
CA ASN F 190 0.54 16.76 -27.96
C ASN F 190 -0.95 16.61 -27.69
N PHE F 191 -1.34 16.32 -26.45
CA PHE F 191 -2.74 16.13 -26.12
C PHE F 191 -3.48 17.46 -25.97
N THR F 192 -2.78 18.56 -25.71
CA THR F 192 -3.39 19.88 -25.58
C THR F 192 -3.33 20.69 -26.87
N SER F 193 -2.82 20.12 -27.95
CA SER F 193 -2.67 20.85 -29.19
C SER F 193 -4.04 21.18 -29.79
N THR F 194 -4.08 22.25 -30.59
CA THR F 194 -5.32 22.63 -31.25
C THR F 194 -5.75 21.59 -32.28
N THR F 195 -4.80 20.89 -32.88
CA THR F 195 -5.13 19.87 -33.87
C THR F 195 -5.93 18.73 -33.23
N VAL F 196 -5.50 18.27 -32.06
CA VAL F 196 -6.24 17.21 -31.38
C VAL F 196 -7.61 17.71 -30.93
N LYS F 197 -7.69 18.98 -30.53
CA LYS F 197 -8.98 19.56 -30.17
C LYS F 197 -9.92 19.56 -31.37
N ALA F 198 -9.42 19.94 -32.55
CA ALA F 198 -10.24 19.91 -33.75
C ALA F 198 -10.69 18.49 -34.08
N ALA F 199 -9.77 17.53 -33.95
CA ALA F 199 -10.14 16.14 -34.21
C ALA F 199 -11.25 15.68 -33.28
N CYS F 200 -11.12 15.99 -31.99
CA CYS F 200 -12.17 15.62 -31.03
C CYS F 200 -13.48 16.31 -31.36
N TRP F 201 -13.42 17.59 -31.77
CA TRP F 201 -14.64 18.30 -32.13
C TRP F 201 -15.33 17.65 -33.31
N TRP F 202 -14.56 17.23 -34.32
CA TRP F 202 -15.15 16.60 -35.49
C TRP F 202 -15.76 15.25 -35.14
N ALA F 203 -15.06 14.45 -34.33
CA ALA F 203 -15.51 13.12 -33.98
C ALA F 203 -16.48 13.11 -32.80
N GLY F 204 -16.90 14.27 -32.32
CA GLY F 204 -17.85 14.33 -31.22
C GLY F 204 -17.31 13.73 -29.94
N ILE F 205 -16.06 14.03 -29.65
CA ILE F 205 -15.42 13.48 -28.48
C ILE F 205 -15.16 14.53 -27.42
N LYS F 206 -15.48 14.22 -26.17
CA LYS F 206 -15.24 15.16 -25.10
C LYS F 206 -13.81 14.93 -24.61
N GLN F 207 -13.10 16.00 -24.29
CA GLN F 207 -11.72 15.90 -23.82
C GLN F 207 -11.66 16.23 -22.33
N GLU F 208 -11.05 15.33 -21.56
CA GLU F 208 -10.83 15.53 -20.14
C GLU F 208 -9.33 15.47 -19.89
N PHE F 209 -8.82 16.42 -19.12
CA PHE F 209 -7.41 16.46 -18.76
C PHE F 209 -7.29 16.28 -17.26
N GLY F 210 -6.38 15.41 -16.85
CA GLY F 210 -6.15 15.21 -15.43
C GLY F 210 -5.49 16.41 -14.80
N ILE F 211 -5.47 16.40 -13.47
CA ILE F 211 -4.79 17.47 -12.74
C ILE F 211 -3.30 17.42 -13.10
N PRO F 212 -2.68 18.54 -13.46
CA PRO F 212 -1.29 18.48 -13.94
C PRO F 212 -0.36 17.84 -12.92
N TYR F 213 0.58 17.04 -13.43
CA TYR F 213 1.56 16.33 -12.62
C TYR F 213 0.88 15.49 -11.55
N ASN F 214 -0.22 14.86 -11.93
CA ASN F 214 -0.91 13.87 -11.09
C ASN F 214 -1.15 12.63 -11.93
N PRO F 215 -0.09 11.85 -12.19
CA PRO F 215 -0.26 10.67 -13.06
C PRO F 215 -1.32 9.69 -12.56
N GLN F 216 -1.61 9.70 -11.26
CA GLN F 216 -2.66 8.82 -10.74
C GLN F 216 -3.98 9.05 -11.45
N SER F 217 -4.24 10.28 -11.91
CA SER F 217 -5.48 10.57 -12.63
C SER F 217 -5.60 9.78 -13.92
N GLN F 218 -4.48 9.35 -14.50
CA GLN F 218 -4.44 8.49 -15.67
C GLN F 218 -4.02 7.06 -15.30
N GLY F 219 -4.31 6.67 -14.06
CA GLY F 219 -3.73 5.46 -13.52
C GLY F 219 -3.95 4.24 -14.38
N VAL F 220 -5.12 4.14 -15.03
CA VAL F 220 -5.38 3.00 -15.90
C VAL F 220 -4.33 2.93 -17.01
N ILE F 221 -4.24 4.00 -17.82
CA ILE F 221 -3.38 3.94 -18.98
C ILE F 221 -1.93 3.82 -18.56
N GLU F 222 -1.53 4.53 -17.50
CA GLU F 222 -0.20 4.37 -16.95
C GLU F 222 0.07 2.90 -16.64
N SER F 223 -0.88 2.24 -15.96
CA SER F 223 -0.72 0.83 -15.69
C SER F 223 -0.56 0.05 -16.99
N MET F 224 -1.38 0.37 -17.99
CA MET F 224 -1.27 -0.33 -19.26
C MET F 224 0.07 -0.05 -19.92
N ASN F 225 0.62 1.16 -19.76
CA ASN F 225 1.97 1.41 -20.24
C ASN F 225 2.93 0.38 -19.66
N LYS F 226 2.75 0.04 -18.39
CA LYS F 226 3.60 -0.96 -17.78
C LYS F 226 3.34 -2.33 -18.37
N GLU F 227 2.07 -2.65 -18.63
CA GLU F 227 1.75 -3.97 -19.17
C GLU F 227 2.25 -4.12 -20.60
N LEU F 228 1.93 -3.16 -21.47
CA LEU F 228 2.37 -3.25 -22.86
C LEU F 228 3.87 -3.44 -22.95
N LYS F 229 4.63 -2.56 -22.28
CA LYS F 229 6.08 -2.69 -22.29
C LYS F 229 6.49 -4.10 -21.88
N LYS F 230 5.90 -4.61 -20.80
CA LYS F 230 6.24 -5.96 -20.37
C LYS F 230 6.05 -6.95 -21.52
N ILE F 231 4.88 -6.92 -22.14
CA ILE F 231 4.62 -7.84 -23.25
C ILE F 231 5.61 -7.58 -24.37
N ILE F 232 5.92 -6.31 -24.64
CA ILE F 232 6.87 -6.01 -25.71
C ILE F 232 8.20 -6.67 -25.42
N GLY F 233 8.59 -6.77 -24.16
CA GLY F 233 9.83 -7.43 -23.83
C GLY F 233 9.76 -8.94 -24.00
N GLN F 234 8.58 -9.51 -23.87
CA GLN F 234 8.43 -10.95 -24.05
C GLN F 234 8.54 -11.36 -25.50
N VAL F 235 8.16 -10.48 -26.43
CA VAL F 235 8.05 -10.83 -27.84
C VAL F 235 8.95 -9.95 -28.72
N ARG F 236 9.96 -9.32 -28.12
CA ARG F 236 10.80 -8.39 -28.89
C ARG F 236 11.68 -9.13 -29.88
N ASP F 237 12.01 -10.40 -29.61
CA ASP F 237 12.90 -11.15 -30.49
C ASP F 237 12.19 -11.80 -31.66
N GLN F 238 10.85 -11.76 -31.70
CA GLN F 238 10.09 -12.29 -32.83
C GLN F 238 9.91 -11.29 -33.95
N ALA F 239 10.27 -10.03 -33.73
CA ALA F 239 10.10 -8.97 -34.71
C ALA F 239 11.41 -8.21 -34.86
N GLU F 240 11.72 -7.81 -36.08
CA GLU F 240 12.90 -6.97 -36.31
C GLU F 240 12.63 -5.53 -35.86
N HIS F 241 11.45 -5.01 -36.17
CA HIS F 241 11.13 -3.61 -35.92
C HIS F 241 10.25 -3.48 -34.68
N LEU F 242 10.37 -2.33 -34.01
CA LEU F 242 9.65 -2.13 -32.76
C LEU F 242 8.15 -1.96 -33.00
N LYS F 243 7.76 -1.39 -34.15
CA LYS F 243 6.34 -1.24 -34.43
C LYS F 243 5.64 -2.59 -34.53
N THR F 244 6.29 -3.56 -35.17
CA THR F 244 5.74 -4.90 -35.24
C THR F 244 5.60 -5.51 -33.85
N ALA F 245 6.60 -5.30 -32.99
CA ALA F 245 6.51 -5.81 -31.62
C ALA F 245 5.36 -5.15 -30.86
N VAL F 246 5.14 -3.86 -31.11
CA VAL F 246 4.04 -3.16 -30.44
C VAL F 246 2.71 -3.75 -30.85
N GLN F 247 2.53 -4.00 -32.16
CA GLN F 247 1.27 -4.59 -32.61
C GLN F 247 1.11 -6.02 -32.08
N MET F 248 2.22 -6.77 -32.02
CA MET F 248 2.16 -8.11 -31.46
C MET F 248 1.71 -8.06 -30.01
N ALA F 249 2.25 -7.10 -29.24
CA ALA F 249 1.87 -6.98 -27.84
C ALA F 249 0.42 -6.55 -27.68
N VAL F 250 -0.05 -5.66 -28.56
CA VAL F 250 -1.46 -5.28 -28.52
C VAL F 250 -2.35 -6.50 -28.74
N PHE F 251 -2.00 -7.31 -29.75
CA PHE F 251 -2.74 -8.55 -29.99
C PHE F 251 -2.73 -9.43 -28.75
N ILE F 252 -1.54 -9.65 -28.18
CA ILE F 252 -1.42 -10.56 -27.04
C ILE F 252 -2.27 -10.08 -25.88
N HIS F 253 -2.23 -8.78 -25.58
CA HIS F 253 -3.02 -8.26 -24.46
C HIS F 253 -4.51 -8.38 -24.74
N ASN F 254 -4.94 -8.03 -25.96
CA ASN F 254 -6.37 -7.94 -26.22
C ASN F 254 -7.02 -9.31 -26.33
N PHE F 255 -6.28 -10.34 -26.75
CA PHE F 255 -6.90 -11.62 -27.05
C PHE F 255 -6.24 -12.82 -26.37
N LYS F 256 -5.02 -12.71 -25.86
CA LYS F 256 -4.30 -13.85 -25.34
C LYS F 256 -4.03 -13.75 -23.83
N ARG F 257 -4.69 -12.82 -23.14
CA ARG F 257 -4.56 -12.69 -21.69
C ARG F 257 -5.96 -12.62 -21.11
N LYS F 258 -6.30 -13.57 -20.25
CA LYS F 258 -7.63 -13.68 -19.67
C LYS F 258 -7.56 -13.47 -18.17
N GLY F 259 -8.60 -12.86 -17.63
CA GLY F 259 -8.67 -12.58 -16.22
C GLY F 259 -9.64 -11.45 -15.96
N GLY F 260 -9.58 -10.93 -14.74
CA GLY F 260 -10.40 -9.79 -14.39
C GLY F 260 -11.87 -10.12 -14.43
N ILE F 261 -12.67 -9.10 -14.77
CA ILE F 261 -14.12 -9.23 -14.71
C ILE F 261 -14.59 -10.20 -15.78
N GLY F 262 -15.33 -11.22 -15.37
CA GLY F 262 -15.87 -12.20 -16.28
C GLY F 262 -14.90 -13.25 -16.76
N GLY F 263 -13.66 -13.22 -16.28
CA GLY F 263 -12.64 -14.14 -16.78
C GLY F 263 -12.34 -13.91 -18.25
N TYR F 264 -12.77 -12.77 -18.76
CA TYR F 264 -12.65 -12.47 -20.18
C TYR F 264 -11.22 -12.08 -20.52
N SER F 265 -10.94 -12.06 -21.82
CA SER F 265 -9.86 -11.25 -22.34
C SER F 265 -10.40 -9.84 -22.61
N ALA F 266 -9.49 -8.90 -22.83
CA ALA F 266 -9.91 -7.52 -23.03
C ALA F 266 -10.81 -7.39 -24.26
N GLY F 267 -10.52 -8.14 -25.32
CA GLY F 267 -11.34 -8.06 -26.52
C GLY F 267 -12.77 -8.53 -26.28
N GLU F 268 -12.92 -9.71 -25.69
CA GLU F 268 -14.26 -10.18 -25.37
C GLU F 268 -14.93 -9.28 -24.35
N ARG F 269 -14.16 -8.77 -23.38
CA ARG F 269 -14.75 -7.90 -22.38
C ARG F 269 -15.30 -6.63 -23.00
N ILE F 270 -14.55 -6.01 -23.92
CA ILE F 270 -15.04 -4.79 -24.55
C ILE F 270 -16.25 -5.09 -25.43
N VAL F 271 -16.22 -6.22 -26.15
CA VAL F 271 -17.39 -6.58 -26.95
C VAL F 271 -18.60 -6.73 -26.05
N ASP F 272 -18.44 -7.44 -24.93
CA ASP F 272 -19.56 -7.64 -24.00
C ASP F 272 -20.04 -6.31 -23.45
N ILE F 273 -19.13 -5.42 -23.07
CA ILE F 273 -19.51 -4.15 -22.47
C ILE F 273 -20.31 -3.32 -23.47
N ILE F 274 -19.82 -3.21 -24.71
CA ILE F 274 -20.50 -2.38 -25.70
C ILE F 274 -21.86 -3.00 -26.06
N ALA F 275 -21.89 -4.31 -26.29
CA ALA F 275 -23.14 -4.97 -26.64
C ALA F 275 -24.15 -4.84 -25.50
N THR F 276 -23.68 -4.99 -24.26
CA THR F 276 -24.56 -4.82 -23.11
C THR F 276 -25.10 -3.40 -23.04
N ASP F 277 -24.25 -2.40 -23.32
CA ASP F 277 -24.72 -1.03 -23.34
C ASP F 277 -25.88 -0.88 -24.32
N ILE F 278 -25.67 -1.32 -25.56
CA ILE F 278 -26.72 -1.17 -26.58
C ILE F 278 -27.98 -1.92 -26.17
N GLN F 279 -27.82 -3.17 -25.74
CA GLN F 279 -28.97 -4.01 -25.44
C GLN F 279 -29.77 -3.46 -24.27
N THR F 280 -29.10 -3.08 -23.19
CA THR F 280 -29.80 -2.54 -22.04
C THR F 280 -30.46 -1.22 -22.37
N LYS F 281 -29.81 -0.39 -23.19
CA LYS F 281 -30.45 0.85 -23.62
C LYS F 281 -31.76 0.56 -24.34
N GLU F 282 -31.73 -0.38 -25.30
CA GLU F 282 -32.94 -0.69 -26.05
C GLU F 282 -34.02 -1.27 -25.15
N LEU F 283 -33.65 -2.19 -24.26
CA LEU F 283 -34.62 -2.81 -23.37
C LEU F 283 -35.26 -1.79 -22.45
N GLN F 284 -34.45 -0.90 -21.86
CA GLN F 284 -35.00 0.12 -20.98
C GLN F 284 -35.89 1.08 -21.75
N LYS F 285 -35.52 1.42 -22.99
CA LYS F 285 -36.38 2.28 -23.80
C LYS F 285 -37.73 1.62 -24.04
N GLN F 286 -37.73 0.33 -24.38
CA GLN F 286 -38.99 -0.37 -24.60
C GLN F 286 -39.83 -0.43 -23.33
N ILE F 287 -39.18 -0.68 -22.19
CA ILE F 287 -39.91 -0.75 -20.92
C ILE F 287 -40.54 0.61 -20.61
N THR F 288 -39.78 1.69 -20.79
CA THR F 288 -40.33 3.02 -20.55
C THR F 288 -41.49 3.32 -21.49
N LYS F 289 -41.37 2.91 -22.76
CA LYS F 289 -42.46 3.13 -23.70
C LYS F 289 -43.71 2.37 -23.27
N ILE F 290 -43.55 1.15 -22.76
CA ILE F 290 -44.70 0.35 -22.38
C ILE F 290 -45.17 0.74 -20.98
N GLN F 291 -44.26 0.82 -20.03
CA GLN F 291 -44.60 1.05 -18.62
C GLN F 291 -44.54 2.53 -18.29
N ASN F 292 -45.58 3.03 -17.63
CA ASN F 292 -45.62 4.43 -17.18
C ASN F 292 -46.55 4.52 -15.99
N PHE F 293 -46.03 5.02 -14.86
CA PHE F 293 -46.81 5.12 -13.64
C PHE F 293 -46.27 6.27 -12.80
N ARG F 294 -47.06 6.68 -11.82
CA ARG F 294 -46.68 7.73 -10.88
C ARG F 294 -46.82 7.20 -9.45
N VAL F 295 -45.95 7.68 -8.57
CA VAL F 295 -45.85 7.18 -7.21
C VAL F 295 -45.85 8.36 -6.25
N TYR F 296 -46.51 8.17 -5.10
CA TYR F 296 -46.48 9.11 -4.00
C TYR F 296 -45.92 8.40 -2.77
N TYR F 297 -44.82 8.90 -2.24
CA TYR F 297 -44.14 8.29 -1.11
C TYR F 297 -44.07 9.29 0.04
N ARG F 298 -43.53 8.84 1.16
CA ARG F 298 -43.38 9.67 2.36
C ARG F 298 -42.69 10.99 2.02
N LYS F 306 -44.64 12.63 -1.03
CA LYS F 306 -44.26 13.94 -1.55
C LYS F 306 -44.89 14.15 -2.93
N GLY F 307 -44.08 14.58 -3.90
CA GLY F 307 -44.59 14.85 -5.24
C GLY F 307 -44.79 13.58 -6.02
N PRO F 308 -45.34 13.72 -7.22
CA PRO F 308 -45.59 12.57 -8.11
C PRO F 308 -44.32 12.06 -8.78
N ALA F 309 -43.58 11.22 -8.05
CA ALA F 309 -42.34 10.68 -8.58
C ALA F 309 -42.63 9.63 -9.65
N LYS F 310 -41.60 9.30 -10.42
CA LYS F 310 -41.71 8.31 -11.48
C LYS F 310 -41.09 7.00 -11.02
N LEU F 311 -41.85 5.92 -11.11
CA LEU F 311 -41.38 4.61 -10.68
C LEU F 311 -40.34 4.06 -11.66
N LEU F 312 -39.42 3.25 -11.13
CA LEU F 312 -38.41 2.60 -11.94
C LEU F 312 -38.43 1.08 -11.79
N TRP F 313 -38.69 0.57 -10.59
CA TRP F 313 -38.69 -0.87 -10.35
C TRP F 313 -39.40 -1.13 -9.03
N LYS F 314 -40.45 -1.95 -9.06
CA LYS F 314 -41.22 -2.31 -7.88
C LYS F 314 -41.13 -3.81 -7.67
N GLY F 315 -40.87 -4.21 -6.44
CA GLY F 315 -40.80 -5.62 -6.08
C GLY F 315 -39.96 -5.81 -4.83
N GLU F 316 -40.09 -7.00 -4.25
CA GLU F 316 -39.33 -7.38 -3.06
C GLU F 316 -39.57 -6.39 -1.91
N GLY F 317 -40.78 -5.86 -1.82
CA GLY F 317 -41.12 -4.94 -0.75
C GLY F 317 -40.39 -3.63 -0.78
N ALA F 318 -39.74 -3.29 -1.90
CA ALA F 318 -39.02 -2.03 -2.06
C ALA F 318 -39.36 -1.42 -3.41
N VAL F 319 -39.48 -0.09 -3.44
CA VAL F 319 -39.82 0.63 -4.65
C VAL F 319 -38.78 1.72 -4.88
N VAL F 320 -38.30 1.81 -6.12
CA VAL F 320 -37.31 2.81 -6.50
C VAL F 320 -38.01 3.86 -7.35
N ILE F 321 -37.82 5.13 -7.00
CA ILE F 321 -38.51 6.22 -7.67
C ILE F 321 -37.52 7.34 -7.97
N GLN F 322 -37.90 8.20 -8.91
CA GLN F 322 -37.13 9.37 -9.29
C GLN F 322 -38.01 10.61 -9.14
N ASP F 323 -37.49 11.64 -8.48
CA ASP F 323 -38.21 12.88 -8.26
C ASP F 323 -37.24 14.04 -8.40
N ASN F 324 -37.35 14.78 -9.51
CA ASN F 324 -36.49 15.93 -9.77
C ASN F 324 -35.02 15.51 -9.78
N SER F 325 -34.70 14.57 -10.68
CA SER F 325 -33.33 14.10 -10.85
C SER F 325 -32.73 13.61 -9.54
N ASP F 326 -33.52 12.86 -8.78
CA ASP F 326 -33.08 12.30 -7.50
C ASP F 326 -33.69 10.92 -7.36
N ILE F 327 -32.86 9.89 -7.39
CA ILE F 327 -33.31 8.51 -7.30
C ILE F 327 -33.27 8.06 -5.84
N LYS F 328 -34.38 7.52 -5.35
CA LYS F 328 -34.49 7.10 -3.97
C LYS F 328 -35.19 5.75 -3.89
N VAL F 329 -34.71 4.90 -2.99
CA VAL F 329 -35.30 3.59 -2.72
C VAL F 329 -36.04 3.68 -1.40
N VAL F 330 -37.29 3.23 -1.40
CA VAL F 330 -38.15 3.32 -0.21
C VAL F 330 -38.79 1.96 0.06
N PRO F 331 -39.18 1.67 1.29
CA PRO F 331 -39.91 0.43 1.55
C PRO F 331 -41.32 0.50 0.98
N ARG F 332 -41.91 -0.69 0.82
CA ARG F 332 -43.25 -0.76 0.25
C ARG F 332 -44.24 0.06 1.05
N ARG F 333 -44.03 0.18 2.36
CA ARG F 333 -44.89 1.01 3.19
C ARG F 333 -44.69 2.48 2.86
N LYS F 334 -45.74 3.26 3.08
CA LYS F 334 -45.72 4.70 2.78
C LYS F 334 -45.35 4.96 1.33
N ALA F 335 -45.93 4.17 0.43
CA ALA F 335 -45.66 4.31 -1.01
C ALA F 335 -46.88 3.81 -1.77
N LYS F 336 -47.53 4.70 -2.50
CA LYS F 336 -48.71 4.38 -3.30
C LYS F 336 -48.40 4.56 -4.77
N ILE F 337 -48.76 3.57 -5.58
CA ILE F 337 -48.50 3.58 -7.01
C ILE F 337 -49.81 3.83 -7.74
N ILE F 338 -49.82 4.85 -8.60
CA ILE F 338 -51.01 5.21 -9.36
C ILE F 338 -50.76 4.91 -10.84
N LEU G 72 -36.21 -26.88 -15.69
CA LEU G 72 -36.59 -28.28 -15.82
C LEU G 72 -38.09 -28.42 -16.02
N ASP G 73 -38.55 -29.64 -16.29
CA ASP G 73 -39.96 -29.92 -16.54
C ASP G 73 -40.50 -29.14 -17.72
N GLY G 74 -39.64 -28.87 -18.71
CA GLY G 74 -40.04 -28.18 -19.92
C GLY G 74 -39.40 -28.77 -21.15
N ILE G 75 -38.72 -29.90 -21.00
CA ILE G 75 -38.03 -30.52 -22.12
C ILE G 75 -39.04 -31.03 -23.16
N ASP G 76 -40.13 -31.61 -22.70
CA ASP G 76 -41.17 -32.08 -23.62
C ASP G 76 -41.77 -30.92 -24.40
N LYS G 77 -42.01 -29.80 -23.72
CA LYS G 77 -42.51 -28.61 -24.41
C LYS G 77 -41.51 -28.14 -25.45
N ALA G 78 -40.22 -28.15 -25.12
CA ALA G 78 -39.20 -27.75 -26.08
C ALA G 78 -39.19 -28.67 -27.29
N GLN G 79 -39.30 -29.98 -27.07
CA GLN G 79 -39.33 -30.91 -28.18
C GLN G 79 -40.55 -30.67 -29.07
N GLU G 80 -41.72 -30.46 -28.45
CA GLU G 80 -42.93 -30.20 -29.24
C GLU G 80 -42.80 -28.92 -30.04
N GLU G 81 -42.25 -27.86 -29.42
CA GLU G 81 -42.09 -26.60 -30.12
C GLU G 81 -41.10 -26.74 -31.27
N HIS G 82 -40.03 -27.51 -31.07
CA HIS G 82 -39.07 -27.74 -32.14
C HIS G 82 -39.73 -28.50 -33.30
N GLU G 83 -40.54 -29.51 -32.98
CA GLU G 83 -41.24 -30.25 -34.04
C GLU G 83 -42.19 -29.33 -34.81
N LYS G 84 -42.94 -28.49 -34.09
CA LYS G 84 -43.96 -27.67 -34.73
C LYS G 84 -43.41 -26.41 -35.38
N TYR G 85 -42.17 -26.01 -35.06
CA TYR G 85 -41.57 -24.80 -35.63
C TYR G 85 -40.15 -25.00 -36.13
N HIS G 86 -39.42 -26.01 -35.67
CA HIS G 86 -38.01 -26.20 -36.04
C HIS G 86 -37.19 -24.95 -35.72
N SER G 87 -37.49 -24.33 -34.57
CA SER G 87 -36.80 -23.12 -34.16
C SER G 87 -35.37 -23.42 -33.73
N ASN G 88 -34.52 -22.41 -33.84
CA ASN G 88 -33.13 -22.56 -33.43
C ASN G 88 -33.04 -22.75 -31.91
N TRP G 89 -31.89 -23.27 -31.47
CA TRP G 89 -31.74 -23.59 -30.05
C TRP G 89 -31.89 -22.35 -29.17
N ARG G 90 -31.51 -21.18 -29.67
CA ARG G 90 -31.64 -19.96 -28.86
C ARG G 90 -33.10 -19.68 -28.53
N ALA G 91 -33.99 -19.82 -29.52
CA ALA G 91 -35.40 -19.53 -29.29
C ALA G 91 -35.98 -20.46 -28.24
N MET G 92 -35.66 -21.76 -28.32
CA MET G 92 -36.22 -22.70 -27.36
C MET G 92 -35.61 -22.50 -25.98
N ALA G 93 -34.32 -22.18 -25.92
CA ALA G 93 -33.69 -21.93 -24.63
C ALA G 93 -34.29 -20.70 -23.95
N SER G 94 -34.54 -19.64 -24.72
CA SER G 94 -35.04 -18.41 -24.12
C SER G 94 -36.53 -18.51 -23.78
N ASP G 95 -37.34 -18.99 -24.71
CA ASP G 95 -38.79 -19.03 -24.49
C ASP G 95 -39.15 -19.94 -23.33
N PHE G 96 -38.56 -21.13 -23.28
CA PHE G 96 -38.89 -22.13 -22.27
C PHE G 96 -37.92 -22.12 -21.10
N ASN G 97 -36.93 -21.24 -21.09
CA ASN G 97 -36.00 -21.09 -19.97
C ASN G 97 -35.30 -22.43 -19.67
N LEU G 98 -34.52 -22.88 -20.65
CA LEU G 98 -33.75 -24.10 -20.52
C LEU G 98 -32.26 -23.81 -20.69
N PRO G 99 -31.38 -24.59 -20.07
CA PRO G 99 -29.95 -24.38 -20.27
C PRO G 99 -29.58 -24.54 -21.73
N PRO G 100 -28.68 -23.71 -22.26
CA PRO G 100 -28.34 -23.81 -23.68
C PRO G 100 -27.80 -25.17 -24.08
N VAL G 101 -27.12 -25.89 -23.19
CA VAL G 101 -26.64 -27.22 -23.53
C VAL G 101 -27.80 -28.16 -23.83
N VAL G 102 -28.85 -28.10 -23.01
CA VAL G 102 -30.00 -28.98 -23.20
C VAL G 102 -30.68 -28.69 -24.52
N ALA G 103 -30.90 -27.40 -24.82
CA ALA G 103 -31.53 -27.04 -26.08
C ALA G 103 -30.67 -27.43 -27.27
N LYS G 104 -29.35 -27.25 -27.16
CA LYS G 104 -28.46 -27.63 -28.24
C LYS G 104 -28.51 -29.13 -28.49
N GLU G 105 -28.57 -29.93 -27.42
CA GLU G 105 -28.71 -31.37 -27.59
C GLU G 105 -30.04 -31.71 -28.25
N ILE G 106 -31.11 -31.03 -27.83
CA ILE G 106 -32.43 -31.32 -28.40
C ILE G 106 -32.43 -31.06 -29.89
N VAL G 107 -31.95 -29.88 -30.30
CA VAL G 107 -31.97 -29.53 -31.72
C VAL G 107 -31.04 -30.45 -32.51
N ALA G 108 -29.91 -30.83 -31.93
CA ALA G 108 -28.96 -31.68 -32.63
C ALA G 108 -29.52 -33.08 -32.85
N SER G 109 -30.37 -33.57 -31.94
CA SER G 109 -30.85 -34.94 -32.04
C SER G 109 -31.65 -35.15 -33.33
N CYS G 110 -32.53 -34.22 -33.68
CA CYS G 110 -33.37 -34.37 -34.85
C CYS G 110 -32.52 -34.26 -36.11
N ASP G 111 -32.36 -35.37 -36.83
CA ASP G 111 -31.50 -35.38 -38.01
C ASP G 111 -32.06 -34.46 -39.10
N LYS G 112 -33.38 -34.47 -39.29
CA LYS G 112 -33.98 -33.70 -40.38
C LYS G 112 -33.70 -32.22 -40.24
N CYS G 113 -33.83 -31.68 -39.02
CA CYS G 113 -33.66 -30.26 -38.79
C CYS G 113 -32.22 -29.81 -38.82
N GLN G 114 -31.26 -30.73 -38.89
CA GLN G 114 -29.86 -30.38 -38.97
C GLN G 114 -29.59 -29.48 -40.17
N SER G 127 -17.68 -17.50 -40.36
CA SER G 127 -18.39 -16.33 -40.86
C SER G 127 -18.06 -15.07 -40.04
N PRO G 128 -18.25 -15.11 -38.72
CA PRO G 128 -17.96 -13.91 -37.93
C PRO G 128 -16.51 -13.45 -38.00
N GLY G 129 -15.58 -14.35 -38.32
CA GLY G 129 -14.17 -14.01 -38.32
C GLY G 129 -13.54 -13.92 -39.70
N ILE G 130 -14.35 -13.65 -40.72
CA ILE G 130 -13.90 -13.64 -42.11
C ILE G 130 -13.80 -12.20 -42.58
N TRP G 131 -12.67 -11.86 -43.20
CA TRP G 131 -12.43 -10.52 -43.70
C TRP G 131 -11.99 -10.57 -45.15
N GLN G 132 -12.31 -9.51 -45.89
CA GLN G 132 -11.89 -9.34 -47.28
C GLN G 132 -10.96 -8.15 -47.38
N LEU G 133 -9.77 -8.36 -47.94
CA LEU G 133 -8.77 -7.33 -48.10
C LEU G 133 -8.66 -6.92 -49.56
N ASP G 134 -8.44 -5.63 -49.80
CA ASP G 134 -8.22 -5.14 -51.16
C ASP G 134 -7.43 -3.83 -51.10
N CYS G 135 -6.91 -3.44 -52.25
CA CYS G 135 -6.19 -2.18 -52.41
C CYS G 135 -6.88 -1.38 -53.49
N THR G 136 -7.34 -0.18 -53.14
CA THR G 136 -7.88 0.77 -54.10
C THR G 136 -6.91 1.94 -54.25
N HIS G 137 -7.16 2.77 -55.26
CA HIS G 137 -6.30 3.91 -55.56
C HIS G 137 -7.14 5.16 -55.64
N LEU G 138 -6.60 6.25 -55.09
CA LEU G 138 -7.28 7.54 -55.16
C LEU G 138 -6.24 8.64 -55.04
N GLU G 139 -6.29 9.62 -55.92
CA GLU G 139 -5.38 10.77 -55.89
C GLU G 139 -3.92 10.32 -55.94
N GLY G 140 -3.65 9.23 -56.65
CA GLY G 140 -2.31 8.73 -56.75
C GLY G 140 -1.79 8.07 -55.50
N LYS G 141 -2.67 7.66 -54.60
CA LYS G 141 -2.29 7.04 -53.35
C LYS G 141 -3.03 5.72 -53.16
N VAL G 142 -2.38 4.80 -52.46
CA VAL G 142 -2.88 3.45 -52.25
C VAL G 142 -3.62 3.40 -50.91
N ILE G 143 -4.85 2.89 -50.94
CA ILE G 143 -5.66 2.72 -49.73
C ILE G 143 -5.93 1.23 -49.57
N LEU G 144 -5.44 0.66 -48.48
CA LEU G 144 -5.71 -0.72 -48.12
C LEU G 144 -7.01 -0.76 -47.31
N VAL G 145 -7.97 -1.57 -47.76
CA VAL G 145 -9.31 -1.63 -47.19
C VAL G 145 -9.58 -3.06 -46.76
N ALA G 146 -10.10 -3.21 -45.53
CA ALA G 146 -10.51 -4.49 -44.98
C ALA G 146 -11.99 -4.41 -44.62
N VAL G 147 -12.75 -5.40 -45.07
CA VAL G 147 -14.19 -5.44 -44.87
C VAL G 147 -14.54 -6.69 -44.06
N HIS G 148 -15.31 -6.50 -42.99
CA HIS G 148 -15.87 -7.62 -42.24
C HIS G 148 -17.16 -8.04 -42.95
N VAL G 149 -17.11 -9.20 -43.61
CA VAL G 149 -18.17 -9.56 -44.56
C VAL G 149 -19.52 -9.61 -43.86
N ALA G 150 -19.58 -10.29 -42.71
CA ALA G 150 -20.87 -10.48 -42.06
C ALA G 150 -21.52 -9.16 -41.65
N SER G 151 -20.71 -8.15 -41.32
CA SER G 151 -21.22 -6.92 -40.74
C SER G 151 -21.15 -5.71 -41.66
N GLY G 152 -20.22 -5.68 -42.61
CA GLY G 152 -19.96 -4.49 -43.39
C GLY G 152 -19.04 -3.50 -42.72
N TYR G 153 -18.52 -3.81 -41.54
CA TYR G 153 -17.61 -2.93 -40.84
C TYR G 153 -16.29 -2.80 -41.61
N ILE G 154 -15.78 -1.58 -41.70
CA ILE G 154 -14.68 -1.25 -42.60
C ILE G 154 -13.50 -0.74 -41.79
N GLU G 155 -12.30 -1.14 -42.19
CA GLU G 155 -11.05 -0.55 -41.68
C GLU G 155 -10.15 -0.25 -42.86
N ALA G 156 -9.85 1.04 -43.08
CA ALA G 156 -9.08 1.46 -44.24
C ALA G 156 -7.92 2.35 -43.80
N GLU G 157 -6.82 2.24 -44.54
CA GLU G 157 -5.63 3.02 -44.24
C GLU G 157 -4.89 3.36 -45.53
N VAL G 158 -4.39 4.59 -45.63
CA VAL G 158 -3.51 4.96 -46.72
C VAL G 158 -2.13 4.42 -46.42
N ILE G 159 -1.56 3.69 -47.37
CA ILE G 159 -0.24 3.09 -47.17
C ILE G 159 0.76 3.76 -48.11
N PRO G 160 2.01 3.98 -47.70
CA PRO G 160 2.97 4.65 -48.60
C PRO G 160 3.18 3.90 -49.90
N ALA G 161 3.19 2.58 -49.86
CA ALA G 161 3.40 1.77 -51.06
C ALA G 161 2.65 0.46 -50.91
N GLU G 162 2.29 -0.14 -52.05
CA GLU G 162 1.54 -1.39 -52.07
C GLU G 162 2.51 -2.57 -52.02
N THR G 163 3.16 -2.70 -50.86
CA THR G 163 4.19 -3.69 -50.65
C THR G 163 3.74 -4.70 -49.59
N GLY G 164 4.46 -5.82 -49.55
CA GLY G 164 4.13 -6.86 -48.59
C GLY G 164 4.30 -6.41 -47.16
N GLN G 165 5.32 -5.58 -46.89
CA GLN G 165 5.55 -5.13 -45.53
C GLN G 165 4.37 -4.31 -45.00
N GLU G 166 3.88 -3.37 -45.82
CA GLU G 166 2.77 -2.53 -45.39
C GLU G 166 1.51 -3.37 -45.15
N THR G 167 1.24 -4.32 -46.04
CA THR G 167 0.07 -5.18 -45.88
C THR G 167 0.20 -6.03 -44.62
N ALA G 168 1.40 -6.55 -44.37
CA ALA G 168 1.61 -7.38 -43.17
C ALA G 168 1.38 -6.55 -41.91
N TYR G 169 1.88 -5.32 -41.88
CA TYR G 169 1.68 -4.47 -40.72
C TYR G 169 0.20 -4.16 -40.52
N PHE G 170 -0.50 -3.83 -41.61
CA PHE G 170 -1.93 -3.55 -41.52
C PHE G 170 -2.70 -4.76 -41.00
N LEU G 171 -2.39 -5.95 -41.52
CA LEU G 171 -3.08 -7.16 -41.10
C LEU G 171 -2.78 -7.49 -39.64
N LEU G 172 -1.53 -7.31 -39.22
CA LEU G 172 -1.19 -7.54 -37.82
C LEU G 172 -1.99 -6.62 -36.91
N LYS G 173 -2.10 -5.34 -37.29
CA LYS G 173 -2.91 -4.42 -36.49
C LYS G 173 -4.36 -4.88 -36.42
N LEU G 174 -4.94 -5.20 -37.59
CA LEU G 174 -6.34 -5.63 -37.62
C LEU G 174 -6.54 -6.84 -36.72
N ALA G 175 -5.65 -7.82 -36.81
CA ALA G 175 -5.77 -9.02 -35.98
C ALA G 175 -5.68 -8.66 -34.50
N GLY G 176 -4.78 -7.75 -34.14
CA GLY G 176 -4.67 -7.34 -32.75
C GLY G 176 -5.90 -6.62 -32.26
N ARG G 177 -6.69 -6.02 -33.14
CA ARG G 177 -7.84 -5.24 -32.73
C ARG G 177 -9.18 -5.96 -32.91
N TRP G 178 -9.25 -6.98 -33.76
CA TRP G 178 -10.48 -7.75 -33.95
C TRP G 178 -10.12 -9.21 -34.07
N PRO G 179 -11.06 -10.10 -33.73
CA PRO G 179 -10.79 -11.56 -33.87
C PRO G 179 -10.87 -12.01 -35.34
N VAL G 180 -9.77 -11.80 -36.05
CA VAL G 180 -9.67 -12.11 -37.47
C VAL G 180 -9.25 -13.58 -37.60
N LYS G 181 -10.08 -14.38 -38.25
CA LYS G 181 -9.80 -15.79 -38.46
C LYS G 181 -9.43 -16.11 -39.90
N THR G 182 -10.07 -15.47 -40.87
CA THR G 182 -9.80 -15.72 -42.28
C THR G 182 -9.77 -14.41 -43.04
N VAL G 183 -8.90 -14.34 -44.05
CA VAL G 183 -8.76 -13.17 -44.91
C VAL G 183 -8.86 -13.61 -46.36
N HIS G 184 -9.69 -12.91 -47.13
CA HIS G 184 -9.89 -13.19 -48.54
C HIS G 184 -9.28 -12.06 -49.37
N THR G 185 -8.39 -12.42 -50.30
CA THR G 185 -7.66 -11.46 -51.11
C THR G 185 -7.88 -11.76 -52.59
N ASP G 186 -7.22 -10.99 -53.45
CA ASP G 186 -7.40 -11.09 -54.90
C ASP G 186 -6.13 -11.50 -55.63
N ASN G 187 -5.20 -12.14 -54.96
CA ASN G 187 -3.99 -12.70 -55.57
C ASN G 187 -2.99 -11.64 -56.01
N GLY G 188 -3.12 -10.41 -55.52
CA GLY G 188 -2.11 -9.41 -55.78
C GLY G 188 -0.78 -9.77 -55.15
N SER G 189 0.30 -9.22 -55.72
CA SER G 189 1.64 -9.59 -55.30
C SER G 189 1.85 -9.30 -53.82
N ASN G 190 1.36 -8.16 -53.33
CA ASN G 190 1.52 -7.82 -51.92
C ASN G 190 0.86 -8.86 -51.03
N PHE G 191 -0.34 -9.30 -51.39
CA PHE G 191 -1.05 -10.26 -50.55
C PHE G 191 -0.40 -11.64 -50.59
N THR G 192 0.23 -12.00 -51.70
CA THR G 192 0.91 -13.29 -51.82
C THR G 192 2.34 -13.25 -51.29
N SER G 193 2.80 -12.09 -50.84
CA SER G 193 4.16 -11.97 -50.35
C SER G 193 4.43 -12.82 -49.10
N THR G 194 5.68 -13.27 -48.95
CA THR G 194 6.05 -14.07 -47.79
C THR G 194 5.86 -13.28 -46.49
N THR G 195 5.93 -11.95 -46.54
CA THR G 195 5.70 -11.15 -45.35
C THR G 195 4.27 -11.32 -44.86
N VAL G 196 3.30 -11.26 -45.78
CA VAL G 196 1.91 -11.43 -45.39
C VAL G 196 1.66 -12.85 -44.89
N LYS G 197 2.33 -13.83 -45.51
CA LYS G 197 2.22 -15.20 -45.04
C LYS G 197 2.74 -15.34 -43.61
N ALA G 198 3.89 -14.73 -43.32
CA ALA G 198 4.41 -14.77 -41.96
C ALA G 198 3.46 -14.09 -40.98
N ALA G 199 2.92 -12.93 -41.36
CA ALA G 199 1.98 -12.24 -40.48
C ALA G 199 0.75 -13.10 -40.20
N CYS G 200 0.21 -13.75 -41.24
CA CYS G 200 -0.94 -14.61 -41.05
C CYS G 200 -0.60 -15.82 -40.19
N TRP G 201 0.61 -16.35 -40.33
CA TRP G 201 1.01 -17.48 -39.51
C TRP G 201 1.10 -17.10 -38.04
N TRP G 202 1.76 -15.98 -37.74
CA TRP G 202 1.91 -15.57 -36.35
C TRP G 202 0.54 -15.27 -35.73
N ALA G 203 -0.29 -14.52 -36.44
CA ALA G 203 -1.63 -14.18 -35.97
C ALA G 203 -2.61 -15.35 -36.05
N GLY G 204 -2.20 -16.48 -36.62
CA GLY G 204 -3.11 -17.60 -36.75
C GLY G 204 -4.28 -17.33 -37.68
N ILE G 205 -4.01 -16.70 -38.82
CA ILE G 205 -5.04 -16.33 -39.79
C ILE G 205 -4.89 -17.22 -41.02
N LYS G 206 -6.02 -17.64 -41.57
CA LYS G 206 -6.06 -18.45 -42.78
C LYS G 206 -6.31 -17.55 -43.98
N GLN G 207 -5.52 -17.72 -45.03
CA GLN G 207 -5.66 -16.95 -46.26
C GLN G 207 -6.26 -17.84 -47.34
N GLU G 208 -7.27 -17.32 -48.03
CA GLU G 208 -7.85 -17.99 -49.19
C GLU G 208 -7.95 -16.99 -50.32
N PHE G 209 -7.38 -17.34 -51.47
CA PHE G 209 -7.39 -16.45 -52.64
C PHE G 209 -8.46 -16.89 -53.62
N GLY G 219 -19.16 -9.61 -54.62
CA GLY G 219 -19.04 -8.22 -55.01
C GLY G 219 -19.14 -7.28 -53.82
N VAL G 220 -18.98 -7.81 -52.62
CA VAL G 220 -19.03 -6.98 -51.42
C VAL G 220 -17.85 -6.00 -51.41
N ILE G 221 -16.66 -6.47 -51.75
CA ILE G 221 -15.47 -5.64 -51.66
C ILE G 221 -15.55 -4.46 -52.63
N GLU G 222 -15.96 -4.72 -53.87
CA GLU G 222 -16.01 -3.65 -54.86
C GLU G 222 -17.05 -2.60 -54.49
N SER G 223 -18.24 -3.05 -54.07
CA SER G 223 -19.28 -2.10 -53.65
C SER G 223 -18.82 -1.30 -52.44
N MET G 224 -18.11 -1.96 -51.54
CA MET G 224 -17.60 -1.29 -50.34
C MET G 224 -16.62 -0.20 -50.75
N ASN G 225 -15.72 -0.53 -51.66
CA ASN G 225 -14.77 0.45 -52.16
C ASN G 225 -15.48 1.63 -52.82
N LYS G 226 -16.55 1.33 -53.55
CA LYS G 226 -17.33 2.36 -54.21
C LYS G 226 -17.93 3.31 -53.18
N GLU G 227 -18.51 2.76 -52.12
CA GLU G 227 -19.12 3.59 -51.08
C GLU G 227 -18.07 4.37 -50.31
N LEU G 228 -16.91 3.75 -50.07
CA LEU G 228 -15.82 4.45 -49.38
C LEU G 228 -15.33 5.63 -50.22
N LYS G 229 -15.20 5.43 -51.53
CA LYS G 229 -14.83 6.54 -52.40
C LYS G 229 -15.88 7.64 -52.38
N LYS G 230 -17.16 7.26 -52.35
CA LYS G 230 -18.22 8.25 -52.28
C LYS G 230 -18.10 9.10 -51.01
N ILE G 231 -17.91 8.45 -49.87
CA ILE G 231 -17.80 9.18 -48.61
C ILE G 231 -16.55 10.04 -48.60
N ILE G 232 -15.43 9.52 -49.12
CA ILE G 232 -14.20 10.29 -49.18
C ILE G 232 -14.40 11.53 -50.04
N GLY G 233 -15.10 11.39 -51.17
CA GLY G 233 -15.39 12.56 -51.98
C GLY G 233 -16.26 13.56 -51.25
N GLN G 234 -17.22 13.06 -50.47
CA GLN G 234 -18.09 13.96 -49.72
C GLN G 234 -17.33 14.74 -48.65
N VAL G 235 -16.32 14.13 -48.02
CA VAL G 235 -15.64 14.74 -46.89
C VAL G 235 -14.25 15.25 -47.23
N ARG G 236 -13.85 15.16 -48.50
CA ARG G 236 -12.52 15.60 -48.91
C ARG G 236 -12.26 17.08 -48.64
N ASP G 237 -13.31 17.89 -48.60
CA ASP G 237 -13.16 19.32 -48.40
C ASP G 237 -12.86 19.69 -46.96
N GLN G 238 -13.22 18.84 -46.00
CA GLN G 238 -13.03 19.12 -44.58
C GLN G 238 -11.64 18.73 -44.08
N ALA G 239 -10.81 18.13 -44.92
CA ALA G 239 -9.48 17.69 -44.54
C ALA G 239 -8.44 18.33 -45.44
N GLU G 240 -7.17 18.09 -45.11
CA GLU G 240 -6.04 18.59 -45.86
C GLU G 240 -5.19 17.50 -46.51
N HIS G 241 -5.15 16.31 -45.92
CA HIS G 241 -4.44 15.18 -46.47
C HIS G 241 -5.43 14.04 -46.74
N LEU G 242 -5.05 13.14 -47.63
CA LEU G 242 -5.94 12.05 -48.01
C LEU G 242 -6.18 11.09 -46.85
N LYS G 243 -5.14 10.82 -46.05
CA LYS G 243 -5.28 9.85 -44.97
C LYS G 243 -6.32 10.29 -43.95
N THR G 244 -6.33 11.59 -43.61
CA THR G 244 -7.35 12.10 -42.69
C THR G 244 -8.74 11.91 -43.27
N ALA G 245 -8.91 12.20 -44.57
CA ALA G 245 -10.21 12.00 -45.20
C ALA G 245 -10.62 10.53 -45.17
N VAL G 246 -9.66 9.63 -45.38
CA VAL G 246 -9.96 8.20 -45.34
C VAL G 246 -10.45 7.79 -43.96
N GLN G 247 -9.78 8.29 -42.91
CA GLN G 247 -10.22 7.96 -41.56
C GLN G 247 -11.60 8.55 -41.27
N MET G 248 -11.87 9.76 -41.74
CA MET G 248 -13.20 10.34 -41.57
C MET G 248 -14.25 9.52 -42.29
N ALA G 249 -13.93 9.03 -43.48
CA ALA G 249 -14.86 8.18 -44.22
C ALA G 249 -15.12 6.87 -43.49
N VAL G 250 -14.07 6.27 -42.93
CA VAL G 250 -14.25 5.06 -42.14
C VAL G 250 -15.19 5.33 -40.98
N PHE G 251 -14.99 6.47 -40.29
CA PHE G 251 -15.85 6.82 -39.18
C PHE G 251 -17.30 6.96 -39.63
N ILE G 252 -17.53 7.70 -40.70
CA ILE G 252 -18.90 7.93 -41.18
C ILE G 252 -19.57 6.62 -41.55
N HIS G 253 -18.85 5.78 -42.30
CA HIS G 253 -19.43 4.51 -42.74
C HIS G 253 -19.74 3.61 -41.55
N ASN G 254 -18.82 3.50 -40.61
CA ASN G 254 -18.98 2.53 -39.53
C ASN G 254 -20.00 2.96 -38.49
N PHE G 255 -20.13 4.27 -38.23
CA PHE G 255 -20.95 4.72 -37.12
C PHE G 255 -22.02 5.73 -37.47
N LYS G 256 -22.00 6.34 -38.65
CA LYS G 256 -22.98 7.36 -39.01
C LYS G 256 -23.90 6.94 -40.15
N ARG G 257 -23.69 5.78 -40.75
CA ARG G 257 -24.56 5.27 -41.80
C ARG G 257 -25.40 4.14 -41.21
N LYS G 258 -26.71 4.38 -41.10
CA LYS G 258 -27.65 3.41 -40.56
C LYS G 258 -28.60 2.96 -41.66
N GLY G 259 -28.85 1.66 -41.72
CA GLY G 259 -29.74 1.10 -42.71
C GLY G 259 -29.72 -0.41 -42.73
N GLY G 260 -30.87 -1.02 -43.00
CA GLY G 260 -30.98 -2.46 -43.02
C GLY G 260 -32.24 -2.97 -42.36
N ILE G 261 -32.16 -4.18 -41.78
CA ILE G 261 -33.34 -4.77 -41.16
C ILE G 261 -33.77 -3.95 -39.94
N GLY G 262 -32.81 -3.59 -39.08
CA GLY G 262 -33.14 -2.91 -37.83
C GLY G 262 -32.71 -1.47 -37.78
N GLY G 263 -32.04 -0.98 -38.82
CA GLY G 263 -31.55 0.39 -38.82
C GLY G 263 -30.33 0.61 -37.97
N TYR G 264 -29.50 -0.42 -37.81
CA TYR G 264 -28.27 -0.32 -37.04
C TYR G 264 -27.11 0.06 -37.95
N SER G 265 -26.03 0.54 -37.33
CA SER G 265 -24.81 0.85 -38.06
C SER G 265 -23.91 -0.39 -38.13
N ALA G 266 -22.87 -0.29 -38.95
CA ALA G 266 -21.95 -1.41 -39.11
C ALA G 266 -21.24 -1.73 -37.80
N GLY G 267 -20.88 -0.71 -37.03
CA GLY G 267 -20.20 -0.97 -35.76
C GLY G 267 -21.05 -1.78 -34.80
N GLU G 268 -22.31 -1.40 -34.64
CA GLU G 268 -23.21 -2.16 -33.79
C GLU G 268 -23.38 -3.58 -34.31
N ARG G 269 -23.51 -3.72 -35.63
CA ARG G 269 -23.70 -5.05 -36.21
C ARG G 269 -22.50 -5.94 -35.93
N ILE G 270 -21.29 -5.42 -36.10
CA ILE G 270 -20.11 -6.24 -35.87
C ILE G 270 -19.99 -6.57 -34.39
N VAL G 271 -20.30 -5.61 -33.51
CA VAL G 271 -20.26 -5.91 -32.08
C VAL G 271 -21.23 -7.04 -31.75
N ASP G 272 -22.45 -6.98 -32.30
CA ASP G 272 -23.43 -8.02 -32.05
C ASP G 272 -22.95 -9.37 -32.58
N ILE G 273 -22.38 -9.38 -33.80
CA ILE G 273 -21.95 -10.64 -34.39
C ILE G 273 -20.82 -11.25 -33.57
N ILE G 274 -19.86 -10.43 -33.13
CA ILE G 274 -18.75 -10.95 -32.34
C ILE G 274 -19.25 -11.44 -30.98
N ALA G 275 -20.22 -10.72 -30.39
CA ALA G 275 -20.80 -11.20 -29.14
C ALA G 275 -21.47 -12.55 -29.32
N THR G 276 -22.21 -12.72 -30.41
CA THR G 276 -22.85 -14.01 -30.68
C THR G 276 -21.80 -15.09 -30.89
N ASP G 277 -20.70 -14.77 -31.57
CA ASP G 277 -19.64 -15.74 -31.77
C ASP G 277 -19.01 -16.14 -30.44
N ILE G 278 -18.84 -15.18 -29.52
CA ILE G 278 -18.31 -15.51 -28.20
C ILE G 278 -19.27 -16.42 -27.46
N GLN G 279 -20.57 -16.13 -27.54
CA GLN G 279 -21.58 -17.02 -26.96
C GLN G 279 -21.43 -18.43 -27.52
N THR G 280 -21.30 -18.55 -28.84
CA THR G 280 -21.18 -19.86 -29.47
C THR G 280 -19.92 -20.59 -29.01
N LYS G 281 -18.80 -19.86 -28.92
CA LYS G 281 -17.56 -20.47 -28.46
C LYS G 281 -17.69 -20.97 -27.02
N GLU G 282 -18.32 -20.17 -26.16
CA GLU G 282 -18.52 -20.60 -24.77
C GLU G 282 -19.40 -21.84 -24.71
N LEU G 283 -20.47 -21.87 -25.51
CA LEU G 283 -21.34 -23.04 -25.54
C LEU G 283 -20.58 -24.28 -25.98
N GLN G 284 -19.75 -24.15 -27.02
CA GLN G 284 -18.95 -25.27 -27.50
C GLN G 284 -17.96 -25.72 -26.42
N LYS G 285 -17.34 -24.76 -25.73
CA LYS G 285 -16.38 -25.12 -24.70
C LYS G 285 -17.04 -25.89 -23.57
N GLN G 286 -18.23 -25.48 -23.16
CA GLN G 286 -18.90 -26.22 -22.09
C GLN G 286 -19.42 -27.57 -22.57
N ILE G 287 -19.83 -27.67 -23.84
CA ILE G 287 -20.18 -28.99 -24.37
C ILE G 287 -18.97 -29.91 -24.33
N THR G 288 -17.80 -29.38 -24.70
CA THR G 288 -16.58 -30.18 -24.66
C THR G 288 -16.27 -30.61 -23.22
N LYS G 289 -16.41 -29.69 -22.27
CA LYS G 289 -16.14 -30.03 -20.88
C LYS G 289 -17.09 -31.10 -20.38
N ILE G 290 -18.37 -31.00 -20.72
CA ILE G 290 -19.38 -31.89 -20.15
C ILE G 290 -19.36 -33.26 -20.82
N GLN G 291 -19.12 -33.29 -22.14
CA GLN G 291 -19.26 -34.53 -22.89
C GLN G 291 -18.24 -35.60 -22.49
N ASN G 292 -17.20 -35.23 -21.75
CA ASN G 292 -16.16 -36.19 -21.38
C ASN G 292 -16.57 -37.10 -20.23
N PHE G 293 -17.73 -36.86 -19.60
CA PHE G 293 -18.17 -37.63 -18.46
C PHE G 293 -19.34 -38.53 -18.83
N ARG G 294 -19.67 -39.45 -17.92
CA ARG G 294 -20.77 -40.38 -18.08
C ARG G 294 -21.59 -40.41 -16.80
N VAL G 295 -22.86 -40.77 -16.93
CA VAL G 295 -23.80 -40.76 -15.81
C VAL G 295 -24.52 -42.11 -15.75
N TYR G 296 -24.58 -42.68 -14.55
CA TYR G 296 -25.41 -43.84 -14.27
C TYR G 296 -26.52 -43.41 -13.33
N TYR G 297 -27.77 -43.59 -13.74
CA TYR G 297 -28.92 -43.13 -12.99
C TYR G 297 -29.75 -44.32 -12.53
N ARG G 298 -30.25 -44.22 -11.29
CA ARG G 298 -31.06 -45.28 -10.70
C ARG G 298 -30.30 -46.59 -10.67
N TRP G 305 -28.94 -50.39 -11.54
CA TRP G 305 -28.30 -49.26 -12.17
C TRP G 305 -28.33 -49.39 -13.69
N LYS G 306 -28.90 -48.39 -14.36
CA LYS G 306 -28.99 -48.41 -15.82
C LYS G 306 -27.59 -48.30 -16.42
N GLY G 307 -27.52 -48.39 -17.75
CA GLY G 307 -26.27 -48.32 -18.46
C GLY G 307 -25.76 -46.90 -18.54
N PRO G 308 -24.56 -46.76 -19.09
CA PRO G 308 -23.96 -45.42 -19.23
C PRO G 308 -24.83 -44.51 -20.10
N ALA G 309 -24.89 -43.24 -19.71
CA ALA G 309 -25.70 -42.26 -20.40
C ALA G 309 -24.90 -40.98 -20.61
N LYS G 310 -25.28 -40.21 -21.62
CA LYS G 310 -24.58 -38.97 -21.93
C LYS G 310 -24.97 -37.89 -20.94
N LEU G 311 -23.97 -37.19 -20.41
CA LEU G 311 -24.21 -36.08 -19.50
C LEU G 311 -24.47 -34.80 -20.28
N LEU G 312 -25.50 -34.06 -19.86
CA LEU G 312 -25.87 -32.81 -20.51
C LEU G 312 -25.71 -31.61 -19.59
N TRP G 313 -26.28 -31.65 -18.38
CA TRP G 313 -26.23 -30.49 -17.50
C TRP G 313 -26.24 -30.96 -16.05
N LYS G 314 -25.48 -30.25 -15.21
CA LYS G 314 -25.43 -30.50 -13.78
C LYS G 314 -25.96 -29.27 -13.05
N GLY G 315 -26.87 -29.48 -12.11
CA GLY G 315 -27.48 -28.41 -11.35
C GLY G 315 -27.28 -28.58 -9.86
N GLU G 316 -27.85 -27.63 -9.11
CA GLU G 316 -27.74 -27.67 -7.66
C GLU G 316 -28.36 -28.94 -7.10
N GLY G 317 -29.55 -29.30 -7.58
CA GLY G 317 -30.24 -30.49 -7.11
C GLY G 317 -30.88 -31.30 -8.22
N ALA G 318 -30.55 -30.97 -9.46
CA ALA G 318 -31.08 -31.67 -10.62
C ALA G 318 -29.96 -31.93 -11.61
N VAL G 319 -30.05 -33.07 -12.30
CA VAL G 319 -29.07 -33.45 -13.31
C VAL G 319 -29.84 -33.85 -14.56
N VAL G 320 -29.53 -33.20 -15.69
CA VAL G 320 -30.21 -33.45 -16.95
C VAL G 320 -29.27 -34.29 -17.82
N ILE G 321 -29.76 -35.44 -18.28
CA ILE G 321 -28.96 -36.38 -19.05
C ILE G 321 -29.75 -36.81 -20.28
N GLN G 322 -29.07 -37.52 -21.17
CA GLN G 322 -29.66 -38.08 -22.38
C GLN G 322 -29.41 -39.58 -22.42
N ASP G 323 -30.44 -40.35 -22.79
CA ASP G 323 -30.34 -41.79 -22.87
C ASP G 323 -31.12 -42.26 -24.09
N ASN G 324 -30.40 -42.73 -25.11
CA ASN G 324 -31.01 -43.26 -26.33
C ASN G 324 -31.98 -42.25 -26.94
N SER G 325 -31.44 -41.09 -27.29
CA SER G 325 -32.21 -40.01 -27.91
C SER G 325 -33.36 -39.53 -27.04
N ASP G 326 -33.30 -39.80 -25.73
CA ASP G 326 -34.31 -39.38 -24.79
C ASP G 326 -33.65 -38.58 -23.68
N ILE G 327 -34.16 -37.38 -23.42
CA ILE G 327 -33.61 -36.49 -22.41
C ILE G 327 -34.45 -36.62 -21.14
N LYS G 328 -33.78 -36.76 -20.00
CA LYS G 328 -34.44 -37.00 -18.73
C LYS G 328 -33.78 -36.18 -17.64
N VAL G 329 -34.54 -35.97 -16.57
CA VAL G 329 -34.09 -35.24 -15.39
C VAL G 329 -34.05 -36.23 -14.22
N VAL G 330 -32.93 -36.27 -13.50
CA VAL G 330 -32.77 -37.18 -12.38
C VAL G 330 -32.16 -36.41 -11.22
N PRO G 331 -32.55 -36.70 -9.96
CA PRO G 331 -31.89 -36.04 -8.84
C PRO G 331 -30.45 -36.49 -8.69
N ARG G 332 -29.63 -35.62 -8.09
CA ARG G 332 -28.21 -35.93 -7.94
C ARG G 332 -27.98 -37.17 -7.11
N ARG G 333 -28.75 -37.34 -6.03
CA ARG G 333 -28.55 -38.49 -5.15
C ARG G 333 -28.73 -39.80 -5.90
N LYS G 334 -29.65 -39.84 -6.87
CA LYS G 334 -29.93 -41.06 -7.62
C LYS G 334 -28.99 -41.25 -8.81
N ALA G 335 -28.09 -40.30 -9.07
CA ALA G 335 -27.21 -40.36 -10.23
C ALA G 335 -25.76 -40.29 -9.79
N LYS G 336 -24.91 -41.07 -10.45
CA LYS G 336 -23.47 -41.08 -10.23
C LYS G 336 -22.77 -40.65 -11.51
N ILE G 337 -21.88 -39.66 -11.39
CA ILE G 337 -21.17 -39.11 -12.53
C ILE G 337 -19.71 -39.54 -12.42
N ILE G 338 -19.19 -40.13 -13.50
CA ILE G 338 -17.82 -40.63 -13.55
C ILE G 338 -17.17 -40.15 -14.84
N ARG G 339 -15.87 -40.43 -14.95
CA ARG G 339 -15.07 -40.07 -16.12
C ARG G 339 -14.49 -41.32 -16.74
N ASP G 340 -14.56 -41.42 -18.06
CA ASP G 340 -14.03 -42.56 -18.79
C ASP G 340 -13.36 -42.11 -20.08
N ASN H 40 -16.01 28.49 7.79
CA ASN H 40 -15.23 28.33 6.56
C ASN H 40 -14.17 27.26 6.73
N PHE H 41 -13.35 27.06 5.70
CA PHE H 41 -12.31 26.05 5.70
C PHE H 41 -10.98 26.65 5.31
N ARG H 42 -9.92 26.19 5.95
CA ARG H 42 -8.56 26.51 5.54
C ARG H 42 -7.97 25.27 4.85
N VAL H 43 -7.42 25.46 3.66
CA VAL H 43 -6.85 24.36 2.88
C VAL H 43 -5.38 24.63 2.66
N TYR H 44 -4.57 23.62 2.95
CA TYR H 44 -3.13 23.66 2.68
C TYR H 44 -2.80 22.55 1.69
N TYR H 45 -2.03 22.89 0.65
CA TYR H 45 -1.91 22.02 -0.51
C TYR H 45 -0.49 22.04 -1.06
N ARG H 46 -0.17 20.97 -1.81
CA ARG H 46 1.08 20.81 -2.53
C ARG H 46 0.76 20.93 -4.03
N ASP H 47 1.10 22.06 -4.63
CA ASP H 47 0.51 22.43 -5.90
C ASP H 47 0.86 21.52 -7.08
N SER H 48 2.10 21.60 -7.59
CA SER H 48 2.45 20.87 -8.81
C SER H 48 3.97 20.73 -8.89
N ARG H 49 4.47 19.55 -8.55
CA ARG H 49 5.90 19.25 -8.61
C ARG H 49 6.71 20.12 -7.66
N ASP H 50 6.06 20.99 -6.89
CA ASP H 50 6.74 21.82 -5.92
C ASP H 50 6.65 21.15 -4.56
N PRO H 51 7.75 20.72 -3.95
CA PRO H 51 7.65 20.00 -2.68
C PRO H 51 7.20 20.87 -1.51
N VAL H 52 7.06 22.18 -1.71
CA VAL H 52 6.73 23.10 -0.62
C VAL H 52 5.22 23.21 -0.51
N TRP H 53 4.70 22.98 0.70
CA TRP H 53 3.27 23.13 0.95
C TRP H 53 2.89 24.60 1.02
N LYS H 54 1.70 24.91 0.53
CA LYS H 54 1.18 26.27 0.47
C LYS H 54 -0.11 26.37 1.26
N GLY H 55 -0.72 27.54 1.23
CA GLY H 55 -1.95 27.79 1.95
C GLY H 55 -1.76 28.80 3.06
N PRO H 56 -2.85 29.11 3.77
CA PRO H 56 -4.20 28.56 3.60
C PRO H 56 -4.91 29.11 2.37
N ALA H 57 -5.79 28.31 1.77
CA ALA H 57 -6.61 28.72 0.65
C ALA H 57 -8.06 28.38 0.94
N LYS H 58 -8.96 29.18 0.38
CA LYS H 58 -10.38 28.94 0.58
C LYS H 58 -10.83 27.70 -0.18
N LEU H 59 -11.73 26.93 0.42
CA LEU H 59 -12.25 25.71 -0.20
C LEU H 59 -13.50 26.08 -0.98
N LEU H 60 -13.36 26.19 -2.30
CA LEU H 60 -14.52 26.45 -3.14
C LEU H 60 -15.37 25.19 -3.34
N TRP H 61 -14.72 24.02 -3.47
CA TRP H 61 -15.47 22.82 -3.79
C TRP H 61 -14.67 21.60 -3.38
N LYS H 62 -15.39 20.55 -2.96
CA LYS H 62 -14.78 19.31 -2.52
C LYS H 62 -15.47 18.15 -3.20
N GLY H 63 -14.68 17.33 -3.89
CA GLY H 63 -15.19 16.18 -4.60
C GLY H 63 -14.71 14.86 -4.03
N GLU H 64 -14.93 13.80 -4.80
CA GLU H 64 -14.54 12.46 -4.35
C GLU H 64 -13.04 12.37 -4.14
N GLY H 65 -12.26 12.83 -5.12
CA GLY H 65 -10.81 12.67 -5.06
C GLY H 65 -10.04 13.95 -5.34
N ALA H 66 -10.72 15.09 -5.31
CA ALA H 66 -10.06 16.36 -5.59
C ALA H 66 -10.85 17.49 -4.94
N VAL H 67 -10.21 18.65 -4.85
CA VAL H 67 -10.82 19.87 -4.33
C VAL H 67 -10.45 21.03 -5.24
N VAL H 68 -11.31 22.03 -5.28
CA VAL H 68 -11.05 23.29 -5.96
C VAL H 68 -10.94 24.37 -4.89
N ILE H 69 -9.82 25.10 -4.92
CA ILE H 69 -9.47 26.07 -3.89
C ILE H 69 -9.12 27.39 -4.57
N GLN H 70 -9.07 28.46 -3.77
CA GLN H 70 -8.70 29.79 -4.22
C GLN H 70 -7.61 30.32 -3.32
N ASP H 71 -6.42 30.54 -3.89
CA ASP H 71 -5.28 31.08 -3.17
C ASP H 71 -4.76 32.30 -3.92
N ASN H 72 -4.68 33.43 -3.22
CA ASN H 72 -4.19 34.68 -3.80
C ASN H 72 -4.93 35.01 -5.09
N SER H 73 -6.25 34.89 -5.04
CA SER H 73 -7.11 35.19 -6.18
C SER H 73 -6.79 34.30 -7.38
N ASP H 74 -6.36 33.07 -7.14
CA ASP H 74 -6.06 32.11 -8.18
C ASP H 74 -6.76 30.79 -7.85
N ILE H 75 -7.53 30.28 -8.79
CA ILE H 75 -8.29 29.04 -8.59
C ILE H 75 -7.41 27.88 -9.00
N LYS H 76 -7.34 26.86 -8.16
CA LYS H 76 -6.52 25.68 -8.41
C LYS H 76 -7.31 24.42 -8.09
N VAL H 77 -6.93 23.33 -8.75
CA VAL H 77 -7.55 22.02 -8.57
C VAL H 77 -6.48 21.08 -8.04
N VAL H 78 -6.74 20.47 -6.90
CA VAL H 78 -5.72 19.70 -6.18
C VAL H 78 -6.29 18.36 -5.78
N PRO H 79 -5.58 17.25 -5.97
CA PRO H 79 -6.06 15.98 -5.43
C PRO H 79 -6.10 16.04 -3.91
N ARG H 80 -7.11 15.38 -3.32
CA ARG H 80 -7.22 15.37 -1.87
C ARG H 80 -6.02 14.68 -1.23
N ARG H 81 -5.34 13.80 -1.95
CA ARG H 81 -4.06 13.28 -1.49
C ARG H 81 -3.06 14.40 -1.22
N LYS H 82 -3.18 15.51 -1.94
CA LYS H 82 -2.23 16.60 -1.87
C LYS H 82 -2.81 17.83 -1.18
N ALA H 83 -3.85 17.65 -0.37
CA ALA H 83 -4.52 18.74 0.31
C ALA H 83 -4.91 18.31 1.71
N LYS H 84 -5.01 19.30 2.60
CA LYS H 84 -5.53 19.12 3.94
C LYS H 84 -6.52 20.24 4.22
N ILE H 85 -7.72 19.86 4.65
CA ILE H 85 -8.79 20.81 4.94
C ILE H 85 -8.99 20.86 6.45
N ILE H 86 -9.11 22.07 6.98
CA ILE H 86 -9.33 22.28 8.41
C ILE H 86 -10.55 23.17 8.58
N GLU K 282 -44.50 -10.12 -22.51
CA GLU K 282 -44.19 -8.82 -23.08
C GLU K 282 -43.27 -8.02 -22.15
N LEU K 283 -43.87 -7.27 -21.22
CA LEU K 283 -43.07 -6.49 -20.29
C LEU K 283 -42.25 -7.39 -19.38
N GLN K 284 -42.83 -8.50 -18.94
CA GLN K 284 -42.13 -9.40 -18.03
C GLN K 284 -40.89 -9.99 -18.68
N LYS K 285 -40.98 -10.36 -19.96
CA LYS K 285 -39.82 -10.91 -20.64
C LYS K 285 -38.69 -9.88 -20.70
N GLN K 286 -39.01 -8.63 -21.03
CA GLN K 286 -37.98 -7.60 -21.10
C GLN K 286 -37.38 -7.33 -19.73
N ILE K 287 -38.21 -7.34 -18.69
CA ILE K 287 -37.70 -7.11 -17.34
C ILE K 287 -36.76 -8.24 -16.93
N THR K 288 -37.15 -9.49 -17.23
CA THR K 288 -36.27 -10.61 -16.91
C THR K 288 -34.95 -10.50 -17.67
N LYS K 289 -35.01 -10.11 -18.94
CA LYS K 289 -33.79 -9.96 -19.72
C LYS K 289 -32.89 -8.88 -19.12
N ILE K 290 -33.46 -7.72 -18.78
CA ILE K 290 -32.66 -6.65 -18.19
C ILE K 290 -32.12 -7.05 -16.83
N GLN K 291 -32.80 -7.97 -16.13
CA GLN K 291 -32.30 -8.49 -14.87
C GLN K 291 -31.33 -9.64 -15.04
N ASN K 292 -31.14 -10.13 -16.27
CA ASN K 292 -30.12 -11.14 -16.51
C ASN K 292 -28.71 -10.55 -16.48
N PHE K 293 -28.57 -9.24 -16.65
CA PHE K 293 -27.27 -8.62 -16.72
C PHE K 293 -26.61 -8.53 -15.34
N ARG K 294 -25.29 -8.61 -15.34
CA ARG K 294 -24.48 -8.57 -14.13
C ARG K 294 -23.75 -7.23 -14.05
N VAL K 295 -23.57 -6.74 -12.82
CA VAL K 295 -22.97 -5.44 -12.56
C VAL K 295 -21.84 -5.62 -11.56
N TYR K 296 -20.68 -5.05 -11.88
CA TYR K 296 -19.55 -4.94 -10.97
C TYR K 296 -19.35 -3.47 -10.65
N TYR K 297 -19.35 -3.11 -9.37
CA TYR K 297 -19.36 -1.72 -8.96
C TYR K 297 -18.34 -1.50 -7.85
N ARG K 298 -18.19 -0.24 -7.44
CA ARG K 298 -17.34 0.12 -6.33
C ARG K 298 -18.07 1.14 -5.46
N ASP K 299 -17.70 1.15 -4.18
CA ASP K 299 -18.17 2.17 -3.25
C ASP K 299 -17.20 3.35 -3.26
N SER K 300 -17.65 4.47 -2.70
CA SER K 300 -16.92 5.72 -2.83
C SER K 300 -15.52 5.65 -2.22
N ARG K 301 -15.28 4.74 -1.27
CA ARG K 301 -14.02 4.74 -0.54
C ARG K 301 -13.27 3.41 -0.60
N ASP K 302 -13.81 2.39 -1.24
CA ASP K 302 -13.17 1.09 -1.30
C ASP K 302 -12.70 0.80 -2.71
N PRO K 303 -11.40 0.56 -2.95
CA PRO K 303 -10.93 0.37 -4.33
C PRO K 303 -11.27 -0.98 -4.95
N VAL K 304 -11.56 -2.01 -4.16
CA VAL K 304 -11.84 -3.32 -4.72
C VAL K 304 -13.24 -3.33 -5.32
N TRP K 305 -13.40 -4.06 -6.42
CA TRP K 305 -14.67 -4.10 -7.13
C TRP K 305 -15.62 -5.10 -6.48
N LYS K 306 -16.83 -4.63 -6.17
CA LYS K 306 -17.84 -5.50 -5.58
C LYS K 306 -18.37 -6.49 -6.60
N GLY K 307 -18.66 -7.71 -6.15
CA GLY K 307 -18.95 -8.82 -7.01
C GLY K 307 -20.14 -8.61 -7.93
N PRO K 308 -20.52 -9.68 -8.65
CA PRO K 308 -21.52 -9.54 -9.71
C PRO K 308 -22.94 -9.36 -9.20
N ALA K 309 -23.31 -8.12 -8.91
CA ALA K 309 -24.68 -7.81 -8.51
C ALA K 309 -25.62 -7.89 -9.72
N LYS K 310 -26.90 -7.93 -9.41
CA LYS K 310 -27.94 -8.01 -10.43
C LYS K 310 -28.37 -6.60 -10.85
N LEU K 311 -28.70 -6.43 -12.14
CA LEU K 311 -29.13 -5.15 -12.67
C LEU K 311 -30.65 -5.03 -12.62
N LEU K 312 -31.13 -3.90 -12.11
CA LEU K 312 -32.56 -3.61 -12.07
C LEU K 312 -32.94 -2.47 -13.01
N TRP K 313 -32.24 -1.34 -12.92
CA TRP K 313 -32.57 -0.18 -13.74
C TRP K 313 -31.28 0.50 -14.18
N LYS K 314 -31.23 0.94 -15.43
CA LYS K 314 -30.07 1.62 -15.98
C LYS K 314 -30.51 2.99 -16.48
N GLY K 315 -29.97 4.04 -15.85
CA GLY K 315 -30.26 5.41 -16.23
C GLY K 315 -29.06 6.08 -16.88
N GLU K 316 -29.23 7.38 -17.13
CA GLU K 316 -28.16 8.15 -17.75
C GLU K 316 -26.94 8.24 -16.82
N GLY K 317 -27.18 8.43 -15.52
CA GLY K 317 -26.09 8.64 -14.59
C GLY K 317 -26.12 7.75 -13.37
N ALA K 318 -27.10 6.85 -13.28
CA ALA K 318 -27.22 5.96 -12.14
C ALA K 318 -27.69 4.59 -12.61
N VAL K 319 -27.25 3.57 -11.89
CA VAL K 319 -27.73 2.19 -12.09
C VAL K 319 -28.22 1.68 -10.75
N VAL K 320 -29.46 1.21 -10.73
CA VAL K 320 -30.06 0.59 -9.56
C VAL K 320 -29.86 -0.90 -9.67
N ILE K 321 -29.14 -1.48 -8.70
CA ILE K 321 -28.76 -2.87 -8.69
C ILE K 321 -29.29 -3.51 -7.41
N GLN K 322 -29.36 -4.84 -7.43
CA GLN K 322 -29.69 -5.64 -6.26
C GLN K 322 -28.49 -6.52 -5.94
N ASP K 323 -27.98 -6.41 -4.72
CA ASP K 323 -26.79 -7.13 -4.28
C ASP K 323 -27.12 -7.85 -2.97
N ASN K 324 -27.54 -9.10 -3.08
CA ASN K 324 -27.89 -9.93 -1.92
C ASN K 324 -29.03 -9.28 -1.13
N SER K 325 -30.17 -9.14 -1.79
CA SER K 325 -31.38 -8.60 -1.19
C SER K 325 -31.22 -7.14 -0.78
N ASP K 326 -30.16 -6.47 -1.23
CA ASP K 326 -29.91 -5.07 -0.94
C ASP K 326 -29.98 -4.28 -2.25
N ILE K 327 -30.79 -3.22 -2.25
CA ILE K 327 -31.00 -2.40 -3.43
C ILE K 327 -30.13 -1.16 -3.29
N LYS K 328 -29.17 -1.01 -4.20
CA LYS K 328 -28.21 0.09 -4.17
C LYS K 328 -28.29 0.89 -5.45
N VAL K 329 -28.08 2.20 -5.32
CA VAL K 329 -27.99 3.10 -6.46
C VAL K 329 -26.52 3.47 -6.61
N VAL K 330 -25.91 3.02 -7.70
CA VAL K 330 -24.49 3.22 -7.97
C VAL K 330 -24.36 4.24 -9.09
N PRO K 331 -23.48 5.24 -8.97
CA PRO K 331 -23.31 6.20 -10.08
C PRO K 331 -22.77 5.49 -11.31
N ARG K 332 -23.15 6.03 -12.48
CA ARG K 332 -22.80 5.38 -13.74
C ARG K 332 -21.29 5.18 -13.87
N ARG K 333 -20.51 6.16 -13.45
CA ARG K 333 -19.05 6.12 -13.62
C ARG K 333 -18.38 5.06 -12.76
N LYS K 334 -19.11 4.35 -11.91
CA LYS K 334 -18.53 3.34 -11.03
C LYS K 334 -19.05 1.94 -11.31
N ALA K 335 -19.76 1.73 -12.42
CA ALA K 335 -20.40 0.44 -12.71
C ALA K 335 -19.91 -0.09 -14.05
N LYS K 336 -19.57 -1.37 -14.07
CA LYS K 336 -19.28 -2.12 -15.29
C LYS K 336 -20.37 -3.16 -15.45
N ILE K 337 -21.11 -3.07 -16.56
CA ILE K 337 -22.30 -3.89 -16.79
C ILE K 337 -21.98 -4.85 -17.94
N ILE K 338 -22.02 -6.15 -17.65
CA ILE K 338 -21.78 -7.16 -18.66
C ILE K 338 -22.82 -8.26 -18.58
N ARG K 339 -23.00 -8.95 -19.70
CA ARG K 339 -23.75 -10.20 -19.75
C ARG K 339 -22.71 -11.30 -19.89
N ASP K 340 -22.21 -11.78 -18.74
CA ASP K 340 -21.13 -12.76 -18.75
C ASP K 340 -21.56 -13.96 -19.58
N TYR K 341 -20.94 -14.14 -20.75
CA TYR K 341 -21.43 -15.12 -21.71
C TYR K 341 -21.13 -16.54 -21.26
N GLY K 342 -20.01 -16.76 -20.56
CA GLY K 342 -19.73 -18.09 -20.05
C GLY K 342 -20.81 -18.57 -19.09
N LYS K 343 -21.21 -17.70 -18.16
CA LYS K 343 -22.27 -18.07 -17.23
C LYS K 343 -23.62 -18.22 -17.95
N GLN K 344 -23.87 -17.37 -18.95
CA GLN K 344 -25.11 -17.49 -19.71
C GLN K 344 -25.19 -18.86 -20.39
N MET K 345 -24.08 -19.32 -20.96
CA MET K 345 -24.06 -20.62 -21.59
C MET K 345 -23.94 -21.76 -20.58
N ALA K 346 -23.61 -21.44 -19.33
CA ALA K 346 -23.62 -22.44 -18.27
C ALA K 346 -25.01 -22.74 -17.74
N GLY K 347 -26.02 -21.95 -18.12
CA GLY K 347 -27.36 -22.13 -17.62
C GLY K 347 -27.59 -21.65 -16.21
N ASP K 348 -26.65 -20.87 -15.64
CA ASP K 348 -26.81 -20.39 -14.27
C ASP K 348 -28.02 -19.48 -14.13
N ASP K 349 -28.39 -18.75 -15.19
CA ASP K 349 -29.57 -17.89 -15.13
C ASP K 349 -30.85 -18.68 -14.92
N CYS K 350 -30.86 -19.95 -15.30
CA CYS K 350 -32.05 -20.79 -15.12
C CYS K 350 -32.30 -21.04 -13.64
N VAL K 351 -33.58 -21.15 -13.28
CA VAL K 351 -33.97 -21.41 -11.91
C VAL K 351 -33.33 -22.71 -11.41
N GLU L 282 12.31 -12.81 47.67
CA GLU L 282 13.60 -12.96 47.00
C GLU L 282 13.39 -13.24 45.51
N LEU L 283 13.26 -14.52 45.16
CA LEU L 283 13.06 -14.88 43.76
C LEU L 283 11.73 -14.33 43.24
N GLN L 284 10.68 -14.39 44.07
CA GLN L 284 9.37 -13.93 43.63
C GLN L 284 9.38 -12.44 43.31
N LYS L 285 10.07 -11.64 44.11
CA LYS L 285 10.14 -10.21 43.82
C LYS L 285 10.81 -9.94 42.48
N GLN L 286 11.93 -10.62 42.20
CA GLN L 286 12.61 -10.44 40.93
C GLN L 286 11.75 -10.90 39.77
N ILE L 287 11.04 -12.02 39.94
CA ILE L 287 10.17 -12.51 38.88
C ILE L 287 9.05 -11.51 38.60
N THR L 288 8.45 -10.97 39.65
CA THR L 288 7.40 -9.97 39.45
C THR L 288 7.95 -8.74 38.75
N LYS L 289 9.15 -8.29 39.14
CA LYS L 289 9.75 -7.15 38.48
C LYS L 289 9.98 -7.42 37.00
N ILE L 290 10.52 -8.60 36.68
CA ILE L 290 10.77 -8.92 35.27
C ILE L 290 9.45 -9.03 34.52
N GLN L 291 8.38 -9.41 35.20
CA GLN L 291 7.06 -9.47 34.57
C GLN L 291 6.37 -8.11 34.53
N ASN L 292 6.93 -7.08 35.18
CA ASN L 292 6.39 -5.75 35.05
C ASN L 292 6.69 -5.13 33.69
N PHE L 293 7.69 -5.64 32.98
CA PHE L 293 8.10 -5.05 31.71
C PHE L 293 7.10 -5.37 30.60
N ARG L 294 6.93 -4.42 29.69
CA ARG L 294 6.04 -4.53 28.55
C ARG L 294 6.85 -4.80 27.28
N VAL L 295 6.27 -5.58 26.39
CA VAL L 295 6.92 -6.00 25.14
C VAL L 295 6.00 -5.67 23.97
N TYR L 296 6.56 -5.03 22.95
CA TYR L 296 5.89 -4.82 21.68
C TYR L 296 6.63 -5.61 20.61
N TYR L 297 5.90 -6.43 19.86
CA TYR L 297 6.54 -7.37 18.96
C TYR L 297 5.79 -7.40 17.63
N ARG L 298 6.34 -8.17 16.69
CA ARG L 298 5.72 -8.39 15.40
C ARG L 298 5.80 -9.87 15.04
N ASP L 299 4.85 -10.31 14.23
CA ASP L 299 4.90 -11.64 13.65
C ASP L 299 5.63 -11.60 12.31
N SER L 300 5.99 -12.80 11.81
CA SER L 300 6.89 -12.88 10.67
C SER L 300 6.34 -12.21 9.43
N ARG L 301 5.01 -12.12 9.29
CA ARG L 301 4.42 -11.63 8.05
C ARG L 301 3.49 -10.43 8.21
N ASP L 302 3.35 -9.88 9.42
CA ASP L 302 2.45 -8.75 9.64
C ASP L 302 3.28 -7.54 10.05
N PRO L 303 3.19 -6.40 9.37
CA PRO L 303 4.06 -5.27 9.71
C PRO L 303 3.63 -4.47 10.93
N VAL L 304 2.38 -4.55 11.36
CA VAL L 304 1.92 -3.74 12.50
C VAL L 304 2.44 -4.37 13.79
N TRP L 305 2.77 -3.52 14.76
CA TRP L 305 3.34 -3.98 16.01
C TRP L 305 2.24 -4.45 16.96
N LYS L 306 2.40 -5.66 17.49
CA LYS L 306 1.43 -6.20 18.42
C LYS L 306 1.56 -5.50 19.78
N GLY L 307 0.43 -5.31 20.44
CA GLY L 307 0.33 -4.47 21.61
C GLY L 307 1.22 -4.89 22.77
N PRO L 308 1.06 -4.22 23.91
CA PRO L 308 2.00 -4.40 25.03
C PRO L 308 1.82 -5.73 25.77
N ALA L 309 2.46 -6.78 25.27
CA ALA L 309 2.43 -8.06 25.94
C ALA L 309 3.32 -8.03 27.18
N LYS L 310 3.12 -9.04 28.03
CA LYS L 310 3.87 -9.18 29.27
C LYS L 310 5.17 -9.95 29.02
N LEU L 311 6.24 -9.58 29.72
CA LEU L 311 7.53 -10.24 29.59
C LEU L 311 7.67 -11.35 30.62
N LEU L 312 8.07 -12.53 30.16
CA LEU L 312 8.33 -13.67 31.03
C LEU L 312 9.81 -14.01 31.11
N TRP L 313 10.46 -14.18 29.96
CA TRP L 313 11.87 -14.57 29.94
C TRP L 313 12.57 -13.83 28.81
N LYS L 314 13.79 -13.37 29.08
CA LYS L 314 14.59 -12.66 28.09
C LYS L 314 15.90 -13.40 27.90
N GLY L 315 16.12 -13.92 26.69
CA GLY L 315 17.33 -14.61 26.35
C GLY L 315 18.19 -13.82 25.38
N GLU L 316 19.26 -14.48 24.93
CA GLU L 316 20.17 -13.84 23.98
C GLU L 316 19.48 -13.55 22.65
N GLY L 317 18.67 -14.49 22.18
CA GLY L 317 18.06 -14.36 20.87
C GLY L 317 16.55 -14.56 20.84
N ALA L 318 15.96 -14.80 22.00
CA ALA L 318 14.52 -15.02 22.09
C ALA L 318 13.96 -14.37 23.35
N VAL L 319 12.71 -13.94 23.26
CA VAL L 319 11.97 -13.43 24.41
C VAL L 319 10.66 -14.19 24.49
N VAL L 320 10.40 -14.78 25.65
CA VAL L 320 9.15 -15.49 25.93
C VAL L 320 8.21 -14.52 26.61
N ILE L 321 7.08 -14.26 25.97
CA ILE L 321 6.10 -13.27 26.41
C ILE L 321 4.76 -13.96 26.60
N GLN L 322 3.89 -13.31 27.37
CA GLN L 322 2.51 -13.73 27.53
C GLN L 322 1.62 -12.63 26.97
N ASP L 323 0.75 -12.99 26.03
CA ASP L 323 -0.12 -12.05 25.34
C ASP L 323 -1.54 -12.59 25.41
N ASN L 324 -2.29 -12.15 26.42
CA ASN L 324 -3.67 -12.57 26.62
C ASN L 324 -3.76 -14.09 26.78
N SER L 325 -3.11 -14.58 27.83
CA SER L 325 -3.12 -16.00 28.18
C SER L 325 -2.46 -16.87 27.12
N ASP L 326 -1.73 -16.26 26.19
CA ASP L 326 -1.01 -16.99 25.15
C ASP L 326 0.48 -16.75 25.33
N ILE L 327 1.24 -17.84 25.38
CA ILE L 327 2.69 -17.79 25.60
C ILE L 327 3.37 -17.92 24.25
N LYS L 328 4.08 -16.88 23.83
CA LYS L 328 4.73 -16.82 22.53
C LYS L 328 6.23 -16.62 22.71
N VAL L 329 7.00 -17.23 21.82
CA VAL L 329 8.45 -17.04 21.76
C VAL L 329 8.72 -16.16 20.54
N VAL L 330 9.18 -14.94 20.79
CA VAL L 330 9.43 -13.95 19.75
C VAL L 330 10.94 -13.80 19.59
N PRO L 331 11.47 -13.81 18.37
CA PRO L 331 12.92 -13.60 18.21
C PRO L 331 13.34 -12.22 18.70
N ARG L 332 14.57 -12.14 19.19
CA ARG L 332 15.05 -10.90 19.80
C ARG L 332 14.93 -9.72 18.86
N ARG L 333 15.23 -9.93 17.57
CA ARG L 333 15.25 -8.84 16.61
C ARG L 333 13.87 -8.29 16.29
N LYS L 334 12.79 -8.85 16.87
CA LYS L 334 11.44 -8.39 16.60
C LYS L 334 10.73 -7.86 17.83
N ALA L 335 11.46 -7.64 18.92
CA ALA L 335 10.85 -7.25 20.19
C ALA L 335 11.45 -5.94 20.70
N LYS L 336 10.58 -5.03 21.10
CA LYS L 336 10.96 -3.80 21.80
C LYS L 336 10.44 -3.92 23.23
N ILE L 337 11.36 -3.88 24.19
CA ILE L 337 11.05 -4.14 25.59
C ILE L 337 11.23 -2.83 26.35
N ILE L 338 10.14 -2.32 26.95
CA ILE L 338 10.20 -1.09 27.71
C ILE L 338 9.46 -1.26 29.03
N ARG L 339 9.83 -0.43 29.99
CA ARG L 339 9.09 -0.25 31.24
C ARG L 339 8.37 1.08 31.10
N ASP L 340 7.16 1.05 30.52
CA ASP L 340 6.43 2.27 30.26
C ASP L 340 6.28 3.06 31.55
N TYR L 341 6.97 4.18 31.66
CA TYR L 341 7.06 4.88 32.94
C TYR L 341 5.75 5.57 33.29
N GLY L 342 5.03 6.09 32.29
CA GLY L 342 3.74 6.69 32.57
C GLY L 342 2.76 5.69 33.16
N LYS L 343 2.70 4.50 32.59
CA LYS L 343 1.85 3.45 33.15
C LYS L 343 2.31 3.05 34.54
N GLN L 344 3.63 2.98 34.74
CA GLN L 344 4.17 2.62 36.05
C GLN L 344 3.74 3.63 37.12
N MET L 345 3.77 4.91 36.78
CA MET L 345 3.30 5.94 37.71
C MET L 345 1.78 6.00 37.80
N ALA L 346 1.07 5.45 36.81
CA ALA L 346 -0.38 5.37 36.90
C ALA L 346 -0.84 4.33 37.90
N GLY L 347 0.04 3.44 38.35
CA GLY L 347 -0.36 2.36 39.22
C GLY L 347 -1.04 1.20 38.53
N ASP L 348 -1.01 1.17 37.19
CA ASP L 348 -1.67 0.10 36.46
C ASP L 348 -1.07 -1.26 36.77
N ASP L 349 0.19 -1.30 37.21
CA ASP L 349 0.82 -2.57 37.56
C ASP L 349 0.27 -3.14 38.86
N CYS L 350 -0.38 -2.32 39.68
CA CYS L 350 -0.96 -2.80 40.92
C CYS L 350 -2.22 -3.60 40.64
N VAL L 351 -2.55 -4.52 41.55
CA VAL L 351 -3.72 -5.36 41.42
C VAL L 351 -4.98 -4.51 41.56
MG MG M . 22.52 6.39 1.17
MG MG N . 19.24 7.25 1.57
ZN ZN O . 5.88 -17.54 -21.76
CAA DLU P . 25.42 5.72 -3.86
OAB DLU P . 16.50 5.62 -3.80
OAC DLU P . 22.88 6.27 -0.89
OAD DLU P . 18.07 6.57 -0.18
OAE DLU P . 20.61 6.52 0.22
FAF DLU P . 12.01 2.15 0.46
FAG DLU P . 14.83 5.68 0.61
CAH DLU P . 12.37 3.33 -1.46
CAI DLU P . 13.02 4.38 -2.10
CAJ DLU P . 13.43 3.92 0.60
CAK DLU P . 19.04 5.61 -3.40
CAL DLU P . 24.03 2.90 -3.66
CAM DLU P . 24.85 3.68 -2.59
CAN DLU P . 14.51 6.25 -2.00
CAO DLU P . 21.22 5.21 -4.40
NAP DLU P . 15.95 6.26 -1.73
OAQ DLU P . 22.63 3.32 -3.77
CAR DLU P . 16.83 5.94 -2.67
CAS DLU P . 22.36 5.82 -1.91
CAT DLU P . 12.58 3.11 -0.11
CAU DLU P . 14.07 4.96 -0.04
CAV DLU P . 13.87 5.20 -1.38
CAW DLU P . 20.12 6.21 -1.01
CAX DLU P . 18.19 5.94 -2.38
CAY DLU P . 20.98 5.88 -2.06
CAZ DLU P . 18.75 6.26 -1.14
CBA DLU P . 24.59 5.16 -2.70
CBB DLU P . 22.60 4.70 -4.07
NBC DLU P . 23.14 5.27 -2.84
NBD DLU P . 20.42 5.58 -3.23
MG MG Q . 2.16 11.19 -20.46
MG MG R . 2.61 8.36 -18.67
ZN ZN S . 3.93 24.52 14.08
CAA DLU T . 5.25 16.13 -20.15
OAB DLU T . 5.65 10.16 -13.53
OAC DLU T . 3.58 12.59 -19.80
OAD DLU T . 3.53 8.82 -16.71
OAE DLU T . 3.06 10.34 -18.73
FAF DLU T . 0.43 6.70 -10.19
FAG DLU T . 2.53 6.69 -14.19
CAH DLU T . 2.62 7.35 -10.27
CAI DLU T . 3.76 7.57 -11.02
CAJ DLU T . 1.43 6.67 -12.23
CAK DLU T . 5.21 11.67 -15.56
CAL DLU T . 3.29 16.57 -17.72
CAM DLU T . 2.99 16.16 -19.17
CAN DLU T . 4.86 7.55 -13.15
CAO DLU T . 5.55 13.86 -16.55
NAP DLU T . 4.59 8.37 -14.33
OAQ DLU T . 3.73 15.46 -16.86
CAR DLU T . 5.01 9.63 -14.42
CAS DLU T . 4.06 13.00 -18.76
CAT DLU T . 1.47 6.90 -10.88
CAU DLU T . 2.57 6.89 -12.97
CAV DLU T . 3.73 7.34 -12.38
CAW DLU T . 3.78 10.82 -17.69
CAX DLU T . 4.72 10.38 -15.55
CAY DLU T . 4.29 12.12 -17.70
CAZ DLU T . 3.99 9.95 -16.64
CBA DLU T . 4.08 15.26 -19.73
CBB DLU T . 4.89 14.88 -17.43
NBC DLU T . 4.33 14.31 -18.65
NBD DLU T . 4.98 12.52 -16.64
#